data_7VUZ
#
_entry.id   7VUZ
#
_cell.length_a   1.00
_cell.length_b   1.00
_cell.length_c   1.00
_cell.angle_alpha   90.00
_cell.angle_beta   90.00
_cell.angle_gamma   90.00
#
_symmetry.space_group_name_H-M   'P 1'
#
loop_
_entity.id
_entity.type
_entity.pdbx_description
1 polymer 'Mas-related G-protein coupled receptor member X2'
2 polymer 'Guanine nucleotide-binding protein G(i) subunit alpha-1'
3 polymer 'Guanine nucleotide-binding protein G(I)/G(S)/G(T) subunit beta-1'
4 polymer 'Guanine nucleotide-binding protein G(I)/G(S)/G(O) subunit gamma-2'
5 polymer scFv
6 non-polymer CHOLESTEROL
#
loop_
_entity_poly.entity_id
_entity_poly.type
_entity_poly.pdbx_seq_one_letter_code
_entity_poly.pdbx_strand_id
1 'polypeptide(L)'
;MDPTTPAWGTESTTVNGNDQALLLLCGKETLIPVFLILFIALVGLVGNGFVLWLLGFRMRRNAFSVYVLSLAGADFLFLC
FQIINCLVYLSNFFCSISINFPSFFTTVMTCAYLAGLSMLSTVSTERCLSVLWPIWYRCRRPRHLSAVVCVLLWALSLLL
SILEGKFCGFLFSDGDSGWCQTFDFITAAWLIFLFMVLCGSSLALLVRILCGSRGLPLTRLYLTILLTVLVFLLCGLPFG
IQWFLILWIWKDSDVLFCHIHPVSVVLSSLNSSANPIIYFFVGSFRKQWRLQQPILKLALQRALQDIAEVDHSEGCFRQG
TPEMSRSSLV
;
R
2 'polypeptide(L)'
;MGCTLSAEDKAAVERSKMIDRNLREDGEKAAREVKLLLLGAGESGKSTIVKQMKIIHEAGYSEEECKQYKAVVYSNTIQS
IIAIIRAMGRLKIDFGDSARADDARQLFVLAGAAEEGFMTAELAGVIKRLWKDSGVQACFNRSREYQLNDSAAYYLNDLD
RIAQPNYIPTQQDVLRTRVKTTGIVETHFTFKDLHFKMFDVGGQRSERKKWIHCFEGVTAIIFCVALSDYDLVLAEDEEM
NRMHESMKLFDSICNNKWFTDTSIILFLNKKDLFEEKIKKSPLTICYPEYAGSNTYEEAAAYIQCQFEDLNKRKDTKEIY
THFTCATDTKNVQFVFDAVTDVIIKNNLKDCGLF
;
A
3 'polypeptide(L)'
;MHHHHHHLEVLFQGPGSSGSELDQLRQEAEQLKNQIRDARKACADATLSQITNNIDPVGRIQMRTRRTLRGHLAKIYAMH
WGTDSRLLVSASQDGKLIIWDSYTTNKVHAIPLRSSWVMTCAYAPSGNYVACGGLDNICSIYNLKTREGNVRVSRELAGH
TGYLSCCRFLDDNQIVTSSGDTTCALWDIETGQQTTTFTGHTGDVMSLSLAPDTRLFVSGACDASAKLWDVREGMCRQTF
TGHESDINAICFFPNGNAFATGSDDATCRLFDLRADQELMTYSHDNIICGITSVSFSKSGRLLLAGYDDFNCNVWDALKA
DRAGVLAGHDNRVSCLGVTDDGMAVATGSWDSFLKIWN
;
B
4 'polypeptide(L)' NTASIAQARKLVEQLKMEANIDRIKVSKAAADLMAYCEAHAKEDPLLTPVPASENPFR G
5 'polypeptide(L)'
;MLLVNQSHQGFNKEHTSKMVSAIVLYVLLAAAAHSAFAVQLVESGGGLVQPGGSRKLSCSASGFAFSSFGMHWVRQAPEK
GLEWVAYISSGSGTIYYADTVKGRFTISRDDPKNTLFLQMTSLRSEDTAMYYCVRSIYYYGSSPFDFWGQGTTLTVSAGG
GGSGGGGSGGGGSADIVMTQATSSVPVTPGESVSISCRSSKSLLHSNGNTYLYWFLQRPGQSPQLLIYRMSNLASGVPDR
FSGSGSGTAFTLTISRLEAEDVGVYYCMQHLEYPLTFGAGTKLEL
;
S
#
loop_
_chem_comp.id
_chem_comp.type
_chem_comp.name
_chem_comp.formula
CLR non-polymer CHOLESTEROL 'C27 H46 O'
#
# COMPACT_ATOMS: atom_id res chain seq x y z
N VAL A 34 -21.21 -47.28 -0.95
CA VAL A 34 -20.36 -47.02 0.21
C VAL A 34 -18.93 -47.33 -0.26
N PHE A 35 -18.85 -48.19 -1.28
CA PHE A 35 -17.59 -48.42 -1.96
C PHE A 35 -17.13 -47.20 -2.73
N LEU A 36 -18.07 -46.42 -3.26
CA LEU A 36 -17.75 -45.27 -4.10
C LEU A 36 -17.64 -43.97 -3.30
N ILE A 37 -18.17 -43.93 -2.07
CA ILE A 37 -18.06 -42.73 -1.24
C ILE A 37 -16.65 -42.57 -0.67
N LEU A 38 -15.85 -43.63 -0.66
CA LEU A 38 -14.44 -43.52 -0.28
C LEU A 38 -13.64 -42.79 -1.35
N PHE A 39 -14.01 -42.94 -2.62
CA PHE A 39 -13.27 -42.33 -3.71
C PHE A 39 -13.72 -40.92 -4.04
N ILE A 40 -14.98 -40.57 -3.74
CA ILE A 40 -15.43 -39.20 -4.01
C ILE A 40 -15.10 -38.31 -2.82
N ALA A 41 -14.79 -38.90 -1.66
CA ALA A 41 -14.24 -38.11 -0.57
C ALA A 41 -12.73 -37.92 -0.72
N LEU A 42 -12.10 -38.66 -1.65
CA LEU A 42 -10.69 -38.40 -1.95
C LEU A 42 -10.53 -37.06 -2.67
N VAL A 43 -11.41 -36.76 -3.62
CA VAL A 43 -11.37 -35.46 -4.27
C VAL A 43 -12.04 -34.40 -3.39
N GLY A 44 -12.88 -34.82 -2.45
CA GLY A 44 -13.59 -33.87 -1.62
C GLY A 44 -12.75 -33.20 -0.55
N LEU A 45 -11.88 -33.94 0.12
CA LEU A 45 -11.06 -33.32 1.17
C LEU A 45 -9.91 -32.50 0.60
N VAL A 46 -9.45 -32.85 -0.61
CA VAL A 46 -8.37 -32.08 -1.23
C VAL A 46 -8.88 -30.85 -1.97
N GLY A 47 -10.20 -30.62 -1.99
CA GLY A 47 -10.75 -29.39 -2.49
C GLY A 47 -11.15 -28.45 -1.38
N ASN A 48 -11.69 -29.02 -0.29
CA ASN A 48 -12.25 -28.18 0.78
C ASN A 48 -11.16 -27.54 1.62
N GLY A 49 -10.13 -28.31 2.00
CA GLY A 49 -9.04 -27.73 2.77
C GLY A 49 -8.08 -26.91 1.94
N PHE A 50 -8.07 -27.13 0.63
CA PHE A 50 -7.21 -26.37 -0.25
C PHE A 50 -7.77 -24.96 -0.46
N VAL A 51 -9.10 -24.82 -0.38
CA VAL A 51 -9.73 -23.52 -0.24
C VAL A 51 -9.41 -22.90 1.12
N LEU A 52 -9.38 -23.74 2.17
CA LEU A 52 -9.03 -23.28 3.51
C LEU A 52 -7.57 -22.85 3.62
N TRP A 53 -6.69 -23.42 2.79
CA TRP A 53 -5.33 -22.90 2.70
C TRP A 53 -5.28 -21.60 1.91
N LEU A 54 -6.04 -21.51 0.81
CA LEU A 54 -5.93 -20.38 -0.10
C LEU A 54 -6.56 -19.12 0.46
N LEU A 55 -7.65 -19.25 1.21
CA LEU A 55 -8.42 -18.06 1.57
C LEU A 55 -8.04 -17.48 2.92
N GLY A 56 -7.64 -18.30 3.88
CA GLY A 56 -7.26 -17.77 5.17
C GLY A 56 -5.87 -17.19 5.17
N PHE A 57 -4.99 -17.69 4.31
CA PHE A 57 -3.58 -17.37 4.32
C PHE A 57 -3.14 -16.58 3.10
N ARG A 58 -3.40 -17.10 1.90
CA ARG A 58 -2.81 -16.54 0.69
C ARG A 58 -3.55 -15.28 0.22
N MET A 59 -4.88 -15.29 0.24
CA MET A 59 -5.67 -14.29 -0.46
C MET A 59 -6.28 -13.26 0.49
N ARG A 60 -6.87 -12.23 -0.13
CA ARG A 60 -7.57 -11.16 0.56
C ARG A 60 -9.07 -11.41 0.46
N ARG A 61 -9.79 -11.18 1.56
CA ARG A 61 -11.15 -11.66 1.70
C ARG A 61 -12.16 -10.53 1.48
N ASN A 62 -13.19 -10.83 0.68
CA ASN A 62 -14.39 -10.02 0.54
C ASN A 62 -15.44 -10.51 1.54
N ALA A 63 -16.68 -10.05 1.38
CA ALA A 63 -17.80 -10.67 2.07
C ALA A 63 -18.10 -12.06 1.51
N PHE A 64 -18.00 -12.20 0.19
CA PHE A 64 -18.19 -13.48 -0.47
C PHE A 64 -17.10 -14.48 -0.11
N SER A 65 -15.89 -14.00 0.13
CA SER A 65 -14.82 -14.91 0.52
C SER A 65 -15.00 -15.42 1.95
N VAL A 66 -15.65 -14.63 2.80
CA VAL A 66 -16.08 -15.08 4.12
C VAL A 66 -17.08 -16.23 3.98
N TYR A 67 -18.06 -16.06 3.07
CA TYR A 67 -19.08 -17.10 2.84
C TYR A 67 -18.47 -18.37 2.27
N VAL A 68 -17.54 -18.25 1.33
CA VAL A 68 -16.92 -19.41 0.69
C VAL A 68 -16.01 -20.15 1.67
N LEU A 69 -15.31 -19.39 2.54
CA LEU A 69 -14.46 -19.98 3.58
C LEU A 69 -15.27 -20.79 4.60
N SER A 70 -16.41 -20.23 5.05
CA SER A 70 -17.26 -20.94 5.99
C SER A 70 -17.94 -22.15 5.36
N LEU A 71 -18.29 -22.05 4.08
CA LEU A 71 -18.94 -23.13 3.37
C LEU A 71 -17.98 -24.30 3.13
N ALA A 72 -16.74 -23.99 2.78
CA ALA A 72 -15.74 -25.05 2.60
C ALA A 72 -15.31 -25.64 3.93
N GLY A 73 -15.37 -24.85 5.01
CA GLY A 73 -15.14 -25.42 6.34
C GLY A 73 -16.24 -26.38 6.76
N ALA A 74 -17.50 -26.04 6.46
CA ALA A 74 -18.62 -26.93 6.77
C ALA A 74 -18.57 -28.21 5.97
N ASP A 75 -18.22 -28.14 4.69
CA ASP A 75 -18.05 -29.38 3.93
C ASP A 75 -16.79 -30.17 4.33
N PHE A 76 -15.75 -29.47 4.81
CA PHE A 76 -14.58 -30.16 5.35
C PHE A 76 -14.92 -30.98 6.58
N LEU A 77 -15.71 -30.40 7.49
CA LEU A 77 -16.05 -31.10 8.73
C LEU A 77 -17.06 -32.21 8.47
N PHE A 78 -18.01 -31.96 7.55
CA PHE A 78 -18.99 -32.97 7.17
C PHE A 78 -18.34 -34.15 6.46
N LEU A 79 -17.42 -33.91 5.54
CA LEU A 79 -16.83 -35.03 4.86
C LEU A 79 -15.74 -35.72 5.69
N CYS A 80 -15.19 -35.04 6.71
CA CYS A 80 -14.36 -35.73 7.69
C CYS A 80 -15.17 -36.72 8.52
N PHE A 81 -16.37 -36.32 8.96
CA PHE A 81 -17.19 -37.25 9.73
C PHE A 81 -17.76 -38.35 8.85
N GLN A 82 -18.00 -38.04 7.56
CA GLN A 82 -18.41 -39.06 6.60
C GLN A 82 -17.31 -40.06 6.34
N ILE A 83 -16.06 -39.60 6.26
CA ILE A 83 -14.98 -40.55 5.98
C ILE A 83 -14.61 -41.37 7.22
N ILE A 84 -14.86 -40.86 8.43
CA ILE A 84 -14.63 -41.73 9.59
C ILE A 84 -15.80 -42.71 9.77
N ASN A 85 -17.02 -42.35 9.33
CA ASN A 85 -18.12 -43.31 9.35
C ASN A 85 -17.92 -44.42 8.31
N CYS A 86 -17.42 -44.06 7.12
CA CYS A 86 -17.12 -45.08 6.13
C CYS A 86 -15.91 -45.93 6.53
N LEU A 87 -14.97 -45.34 7.26
CA LEU A 87 -13.82 -46.09 7.76
C LEU A 87 -14.23 -47.10 8.82
N VAL A 88 -15.15 -46.73 9.74
CA VAL A 88 -15.54 -47.71 10.75
C VAL A 88 -16.48 -48.76 10.16
N TYR A 89 -17.22 -48.42 9.09
CA TYR A 89 -18.03 -49.44 8.43
C TYR A 89 -17.15 -50.44 7.65
N LEU A 90 -16.11 -49.96 6.98
CA LEU A 90 -15.20 -50.89 6.31
C LEU A 90 -14.32 -51.67 7.29
N SER A 91 -14.03 -51.10 8.46
CA SER A 91 -13.31 -51.86 9.48
C SER A 91 -14.18 -52.96 10.08
N ASN A 92 -15.48 -52.70 10.25
CA ASN A 92 -16.37 -53.77 10.69
C ASN A 92 -16.65 -54.76 9.57
N PHE A 93 -16.49 -54.35 8.31
CA PHE A 93 -16.59 -55.29 7.20
C PHE A 93 -15.40 -56.24 7.15
N PHE A 94 -14.18 -55.72 7.28
CA PHE A 94 -12.98 -56.53 7.10
C PHE A 94 -12.37 -56.99 8.42
N CYS A 95 -11.96 -56.06 9.28
CA CYS A 95 -11.19 -56.41 10.47
C CYS A 95 -12.07 -56.99 11.58
N SER A 96 -13.36 -56.61 11.59
CA SER A 96 -14.39 -57.05 12.56
C SER A 96 -13.99 -56.74 14.00
N ILE A 97 -13.44 -55.54 14.23
CA ILE A 97 -13.15 -55.07 15.58
C ILE A 97 -14.44 -54.76 16.33
N SER A 98 -15.47 -54.32 15.58
CA SER A 98 -16.80 -53.92 16.07
C SER A 98 -16.71 -52.79 17.10
N ILE A 99 -15.83 -51.83 16.84
CA ILE A 99 -15.89 -50.56 17.56
C ILE A 99 -17.01 -49.72 16.97
N ASN A 100 -17.81 -49.10 17.83
CA ASN A 100 -18.87 -48.22 17.42
C ASN A 100 -18.42 -46.78 17.63
N PHE A 101 -18.60 -45.95 16.61
CA PHE A 101 -18.34 -44.53 16.72
C PHE A 101 -19.34 -43.89 17.68
N PRO A 102 -18.92 -42.89 18.46
CA PRO A 102 -19.83 -42.30 19.45
C PRO A 102 -20.96 -41.52 18.82
N SER A 103 -22.05 -41.40 19.58
CA SER A 103 -23.25 -40.70 19.13
C SER A 103 -23.11 -39.19 19.18
N PHE A 104 -22.02 -38.67 19.75
CA PHE A 104 -21.71 -37.25 19.72
C PHE A 104 -21.40 -36.78 18.30
N PHE A 105 -20.89 -37.68 17.44
CA PHE A 105 -20.38 -37.31 16.13
C PHE A 105 -21.47 -36.93 15.14
N THR A 106 -22.62 -37.61 15.19
CA THR A 106 -23.68 -37.40 14.22
C THR A 106 -24.36 -36.04 14.40
N THR A 107 -24.36 -35.52 15.64
CA THR A 107 -24.90 -34.18 15.91
C THR A 107 -24.07 -33.09 15.24
N VAL A 108 -22.74 -33.19 15.37
CA VAL A 108 -21.88 -32.17 14.79
C VAL A 108 -21.76 -32.37 13.27
N MET A 109 -21.96 -33.61 12.79
CA MET A 109 -22.10 -33.87 11.35
C MET A 109 -23.35 -33.23 10.77
N THR A 110 -24.46 -33.31 11.51
CA THR A 110 -25.70 -32.63 11.14
C THR A 110 -25.54 -31.12 11.14
N CYS A 111 -24.78 -30.60 12.11
CA CYS A 111 -24.50 -29.15 12.16
C CYS A 111 -23.66 -28.69 10.98
N ALA A 112 -22.69 -29.49 10.57
CA ALA A 112 -21.88 -29.19 9.39
C ALA A 112 -22.71 -29.21 8.11
N TYR A 113 -23.61 -30.19 7.99
CA TYR A 113 -24.51 -30.30 6.84
C TYR A 113 -25.45 -29.10 6.74
N LEU A 114 -26.14 -28.78 7.84
CA LEU A 114 -27.09 -27.68 7.85
C LEU A 114 -26.41 -26.33 7.67
N ALA A 115 -25.19 -26.17 8.19
CA ALA A 115 -24.44 -24.93 8.00
C ALA A 115 -23.97 -24.76 6.56
N GLY A 116 -23.53 -25.85 5.92
CA GLY A 116 -23.10 -25.76 4.52
C GLY A 116 -24.25 -25.46 3.57
N LEU A 117 -25.41 -26.05 3.81
CA LEU A 117 -26.55 -25.77 2.95
C LEU A 117 -27.13 -24.38 3.22
N SER A 118 -27.03 -23.89 4.45
CA SER A 118 -27.44 -22.52 4.72
C SER A 118 -26.47 -21.48 4.17
N MET A 119 -25.18 -21.83 4.06
CA MET A 119 -24.26 -20.95 3.34
C MET A 119 -24.54 -20.93 1.85
N LEU A 120 -25.03 -22.04 1.27
CA LEU A 120 -25.49 -22.01 -0.12
C LEU A 120 -26.65 -21.03 -0.32
N SER A 121 -27.60 -21.05 0.62
CA SER A 121 -28.75 -20.15 0.55
C SER A 121 -28.34 -18.69 0.71
N THR A 122 -27.39 -18.38 1.61
CA THR A 122 -27.04 -16.97 1.77
C THR A 122 -26.06 -16.47 0.71
N VAL A 123 -25.30 -17.35 0.03
CA VAL A 123 -24.57 -16.93 -1.17
C VAL A 123 -25.54 -16.51 -2.28
N SER A 124 -26.59 -17.32 -2.53
CA SER A 124 -27.55 -16.95 -3.57
C SER A 124 -28.38 -15.72 -3.20
N THR A 125 -28.67 -15.55 -1.90
CA THR A 125 -29.36 -14.34 -1.44
C THR A 125 -28.50 -13.09 -1.60
N GLU A 126 -27.20 -13.17 -1.31
CA GLU A 126 -26.37 -11.97 -1.46
C GLU A 126 -26.06 -11.64 -2.90
N ARG A 127 -26.01 -12.65 -3.79
CA ARG A 127 -25.87 -12.35 -5.22
C ARG A 127 -27.13 -11.67 -5.76
N CYS A 128 -28.31 -12.11 -5.30
CA CYS A 128 -29.56 -11.43 -5.63
C CYS A 128 -29.60 -10.00 -5.10
N LEU A 129 -29.11 -9.77 -3.88
CA LEU A 129 -29.10 -8.41 -3.35
C LEU A 129 -28.05 -7.52 -4.01
N SER A 130 -26.96 -8.11 -4.51
CA SER A 130 -25.94 -7.33 -5.19
C SER A 130 -26.44 -6.83 -6.52
N VAL A 131 -27.18 -7.66 -7.26
CA VAL A 131 -27.68 -7.21 -8.54
C VAL A 131 -28.99 -6.43 -8.37
N LEU A 132 -29.69 -6.62 -7.26
CA LEU A 132 -31.01 -6.03 -7.14
C LEU A 132 -30.94 -4.58 -6.69
N TRP A 133 -30.12 -4.27 -5.67
CA TRP A 133 -29.90 -2.90 -5.24
C TRP A 133 -28.40 -2.62 -5.20
N PRO A 134 -27.83 -2.10 -6.28
CA PRO A 134 -26.37 -2.06 -6.38
C PRO A 134 -25.73 -0.89 -5.68
N ILE A 135 -26.46 0.21 -5.49
CA ILE A 135 -25.94 1.34 -4.73
C ILE A 135 -25.82 0.98 -3.25
N TRP A 136 -26.73 0.13 -2.76
CA TRP A 136 -26.59 -0.41 -1.41
C TRP A 136 -25.39 -1.34 -1.30
N TYR A 137 -25.17 -2.18 -2.31
CA TYR A 137 -24.09 -3.14 -2.21
C TYR A 137 -22.72 -2.51 -2.43
N ARG A 138 -22.65 -1.36 -3.09
CA ARG A 138 -21.38 -0.65 -3.16
C ARG A 138 -21.20 0.24 -1.93
N CYS A 139 -22.08 1.21 -1.74
CA CYS A 139 -21.80 2.26 -0.76
C CYS A 139 -22.11 1.86 0.67
N ARG A 140 -23.37 1.56 0.97
CA ARG A 140 -23.84 1.55 2.35
C ARG A 140 -24.01 0.15 2.93
N ARG A 141 -23.31 -0.83 2.38
CA ARG A 141 -23.27 -2.15 2.99
C ARG A 141 -22.42 -2.11 4.26
N PRO A 142 -22.84 -2.80 5.33
CA PRO A 142 -21.96 -2.96 6.49
C PRO A 142 -20.73 -3.80 6.19
N ARG A 143 -19.66 -3.54 6.94
CA ARG A 143 -18.39 -4.22 6.71
C ARG A 143 -18.44 -5.67 7.17
N HIS A 144 -18.98 -5.91 8.37
CA HIS A 144 -18.92 -7.22 9.00
C HIS A 144 -20.21 -8.01 8.87
N LEU A 145 -21.05 -7.68 7.88
CA LEU A 145 -22.36 -8.31 7.74
C LEU A 145 -22.25 -9.78 7.34
N SER A 146 -21.25 -10.12 6.53
CA SER A 146 -21.03 -11.51 6.12
C SER A 146 -20.61 -12.38 7.29
N ALA A 147 -19.69 -11.87 8.12
CA ALA A 147 -19.29 -12.61 9.31
C ALA A 147 -20.40 -12.69 10.35
N VAL A 148 -21.24 -11.64 10.45
CA VAL A 148 -22.36 -11.63 11.39
C VAL A 148 -23.41 -12.67 11.01
N VAL A 149 -23.83 -12.69 9.74
CA VAL A 149 -24.83 -13.67 9.36
C VAL A 149 -24.23 -15.06 9.19
N CYS A 150 -22.91 -15.16 8.98
CA CYS A 150 -22.24 -16.45 8.99
C CYS A 150 -22.24 -17.08 10.37
N VAL A 151 -21.88 -16.32 11.41
CA VAL A 151 -21.85 -16.90 12.73
C VAL A 151 -23.27 -17.07 13.29
N LEU A 152 -24.24 -16.27 12.81
CA LEU A 152 -25.60 -16.46 13.28
C LEU A 152 -26.25 -17.68 12.63
N LEU A 153 -25.96 -17.95 11.35
CA LEU A 153 -26.48 -19.17 10.74
C LEU A 153 -25.75 -20.42 11.22
N TRP A 154 -24.47 -20.31 11.56
CA TRP A 154 -23.77 -21.41 12.21
C TRP A 154 -24.32 -21.67 13.60
N ALA A 155 -24.70 -20.61 14.33
CA ALA A 155 -25.33 -20.77 15.64
C ALA A 155 -26.71 -21.39 15.53
N LEU A 156 -27.47 -21.05 14.49
CA LEU A 156 -28.80 -21.64 14.34
C LEU A 156 -28.71 -23.11 13.91
N SER A 157 -27.76 -23.44 13.03
CA SER A 157 -27.53 -24.83 12.65
C SER A 157 -27.03 -25.66 13.83
N LEU A 158 -26.16 -25.07 14.66
CA LEU A 158 -25.66 -25.76 15.84
C LEU A 158 -26.74 -25.94 16.89
N LEU A 159 -27.64 -24.95 17.04
CA LEU A 159 -28.75 -25.05 17.97
C LEU A 159 -29.73 -26.14 17.57
N LEU A 160 -30.08 -26.22 16.28
CA LEU A 160 -30.97 -27.27 15.81
C LEU A 160 -30.33 -28.66 15.89
N SER A 161 -29.02 -28.76 15.65
CA SER A 161 -28.38 -30.06 15.73
C SER A 161 -28.15 -30.52 17.16
N ILE A 162 -27.82 -29.63 18.10
CA ILE A 162 -27.72 -30.08 19.48
C ILE A 162 -29.09 -30.30 20.12
N LEU A 163 -30.15 -29.67 19.61
CA LEU A 163 -31.48 -30.02 20.10
C LEU A 163 -31.93 -31.37 19.56
N GLU A 164 -31.55 -31.70 18.32
CA GLU A 164 -31.76 -33.05 17.80
C GLU A 164 -30.92 -34.08 18.57
N GLY A 165 -29.69 -33.72 18.94
CA GLY A 165 -28.87 -34.63 19.72
C GLY A 165 -29.39 -34.86 21.13
N LYS A 166 -29.94 -33.82 21.75
CA LYS A 166 -30.49 -33.95 23.09
C LYS A 166 -31.80 -34.71 23.09
N PHE A 167 -32.66 -34.47 22.10
CA PHE A 167 -33.98 -35.07 22.09
C PHE A 167 -34.10 -36.26 21.15
N CYS A 168 -32.96 -36.80 20.67
CA CYS A 168 -33.05 -37.88 19.69
C CYS A 168 -32.05 -39.01 19.93
N GLY A 169 -31.47 -39.13 21.11
CA GLY A 169 -30.63 -40.27 21.42
C GLY A 169 -29.19 -40.15 20.97
N PHE A 170 -28.65 -38.95 20.90
CA PHE A 170 -27.29 -38.75 20.47
C PHE A 170 -26.44 -38.00 21.49
N LEU A 171 -27.02 -37.04 22.21
CA LEU A 171 -26.41 -36.43 23.38
C LEU A 171 -27.37 -36.63 24.54
N PHE A 172 -26.84 -36.55 25.78
CA PHE A 172 -27.54 -36.89 27.02
C PHE A 172 -28.07 -38.32 26.97
N SER A 173 -27.10 -39.25 27.02
CA SER A 173 -26.96 -40.48 26.25
C SER A 173 -28.21 -41.22 25.80
N ASP A 174 -29.20 -41.39 26.67
CA ASP A 174 -30.46 -42.02 26.29
C ASP A 174 -31.47 -40.92 25.99
N GLY A 175 -31.97 -40.90 24.76
CA GLY A 175 -32.94 -39.92 24.33
C GLY A 175 -34.19 -40.57 23.77
N ASP A 176 -35.33 -39.94 24.03
CA ASP A 176 -36.61 -40.49 23.63
C ASP A 176 -36.83 -40.32 22.14
N SER A 177 -37.57 -41.25 21.54
CA SER A 177 -37.87 -41.23 20.13
C SER A 177 -39.28 -40.72 19.84
N GLY A 178 -39.91 -40.04 20.79
CA GLY A 178 -41.25 -39.53 20.59
C GLY A 178 -41.27 -38.08 20.15
N TRP A 179 -40.49 -37.24 20.84
CA TRP A 179 -40.39 -35.83 20.53
C TRP A 179 -39.25 -35.52 19.57
N CYS A 180 -38.62 -36.57 19.02
CA CYS A 180 -37.65 -36.38 17.96
C CYS A 180 -38.32 -36.04 16.64
N GLN A 181 -39.59 -36.46 16.48
CA GLN A 181 -40.36 -36.22 15.27
C GLN A 181 -40.60 -34.74 15.02
N THR A 182 -40.90 -33.96 16.07
CA THR A 182 -41.16 -32.55 15.85
C THR A 182 -39.89 -31.76 15.55
N PHE A 183 -38.73 -32.14 16.11
CA PHE A 183 -37.52 -31.42 15.74
C PHE A 183 -36.99 -31.82 14.37
N ASP A 184 -37.19 -33.08 13.97
CA ASP A 184 -36.89 -33.44 12.59
C ASP A 184 -37.85 -32.79 11.61
N PHE A 185 -39.09 -32.52 12.03
CA PHE A 185 -40.02 -31.81 11.15
C PHE A 185 -39.72 -30.31 11.05
N ILE A 186 -39.30 -29.67 12.15
CA ILE A 186 -38.87 -28.26 12.08
C ILE A 186 -37.60 -28.12 11.25
N THR A 187 -36.64 -29.05 11.38
CA THR A 187 -35.45 -28.94 10.54
C THR A 187 -35.72 -29.33 9.08
N ALA A 188 -36.69 -30.20 8.81
CA ALA A 188 -37.10 -30.44 7.43
C ALA A 188 -37.80 -29.22 6.83
N ALA A 189 -38.62 -28.53 7.63
CA ALA A 189 -39.25 -27.29 7.19
C ALA A 189 -38.22 -26.17 7.03
N TRP A 190 -37.14 -26.21 7.82
CA TRP A 190 -36.04 -25.27 7.65
C TRP A 190 -35.30 -25.51 6.35
N LEU A 191 -35.06 -26.78 5.98
CA LEU A 191 -34.42 -27.04 4.69
C LEU A 191 -35.34 -26.74 3.50
N ILE A 192 -36.65 -26.92 3.67
CA ILE A 192 -37.62 -26.50 2.67
C ILE A 192 -37.63 -24.98 2.53
N PHE A 193 -37.51 -24.27 3.66
CA PHE A 193 -37.44 -22.81 3.65
C PHE A 193 -36.16 -22.31 2.99
N LEU A 194 -35.05 -23.00 3.21
CA LEU A 194 -33.79 -22.65 2.57
C LEU A 194 -33.85 -22.89 1.06
N PHE A 195 -34.53 -23.97 0.65
CA PHE A 195 -34.74 -24.23 -0.77
C PHE A 195 -35.64 -23.19 -1.41
N MET A 196 -36.66 -22.74 -0.66
CA MET A 196 -37.56 -21.71 -1.17
C MET A 196 -36.87 -20.35 -1.26
N VAL A 197 -36.00 -20.03 -0.29
CA VAL A 197 -35.23 -18.79 -0.32
C VAL A 197 -34.20 -18.80 -1.45
N LEU A 198 -33.53 -19.93 -1.69
CA LEU A 198 -32.58 -20.01 -2.80
C LEU A 198 -33.27 -19.96 -4.16
N CYS A 199 -34.44 -20.61 -4.31
CA CYS A 199 -35.12 -20.53 -5.59
C CYS A 199 -35.78 -19.18 -5.83
N GLY A 200 -36.34 -18.55 -4.79
CA GLY A 200 -36.90 -17.22 -4.95
C GLY A 200 -35.86 -16.16 -5.21
N SER A 201 -34.70 -16.28 -4.56
CA SER A 201 -33.63 -15.30 -4.76
C SER A 201 -32.94 -15.50 -6.11
N SER A 202 -32.74 -16.75 -6.55
CA SER A 202 -32.18 -16.96 -7.87
C SER A 202 -33.17 -16.64 -8.98
N LEU A 203 -34.47 -16.78 -8.72
CA LEU A 203 -35.47 -16.39 -9.69
C LEU A 203 -35.56 -14.88 -9.83
N ALA A 204 -35.52 -14.15 -8.70
CA ALA A 204 -35.53 -12.68 -8.74
C ALA A 204 -34.25 -12.14 -9.36
N LEU A 205 -33.13 -12.82 -9.10
CA LEU A 205 -31.85 -12.51 -9.73
C LEU A 205 -31.91 -12.70 -11.24
N LEU A 206 -32.49 -13.80 -11.70
CA LEU A 206 -32.46 -14.11 -13.11
C LEU A 206 -33.47 -13.27 -13.91
N VAL A 207 -34.61 -12.93 -13.32
CA VAL A 207 -35.53 -12.06 -14.04
C VAL A 207 -35.08 -10.59 -13.95
N ARG A 208 -34.35 -10.18 -12.91
CA ARG A 208 -33.82 -8.83 -12.88
C ARG A 208 -32.63 -8.69 -13.83
N ILE A 209 -31.94 -9.78 -14.11
CA ILE A 209 -30.88 -9.72 -15.10
C ILE A 209 -31.43 -9.75 -16.51
N LEU A 210 -32.34 -10.68 -16.83
CA LEU A 210 -32.86 -10.75 -18.19
C LEU A 210 -33.95 -9.72 -18.48
N CYS A 211 -34.42 -8.99 -17.47
CA CYS A 211 -35.20 -7.79 -17.74
C CYS A 211 -34.32 -6.70 -18.34
N GLY A 212 -33.29 -6.28 -17.60
CA GLY A 212 -32.34 -5.31 -18.11
C GLY A 212 -30.89 -5.62 -17.81
N SER A 213 -30.08 -5.82 -18.84
CA SER A 213 -28.66 -6.03 -18.69
C SER A 213 -27.96 -5.56 -19.95
N ARG A 214 -26.81 -4.92 -19.79
CA ARG A 214 -26.11 -4.35 -20.94
C ARG A 214 -24.72 -4.93 -21.14
N GLY A 215 -23.92 -5.03 -20.10
CA GLY A 215 -22.56 -5.51 -20.26
C GLY A 215 -22.31 -6.90 -19.77
N LEU A 216 -23.34 -7.66 -19.48
CA LEU A 216 -23.21 -8.90 -18.73
C LEU A 216 -22.77 -10.06 -19.63
N PRO A 217 -22.02 -11.01 -19.08
CA PRO A 217 -21.87 -12.32 -19.75
C PRO A 217 -23.03 -13.25 -19.42
N LEU A 218 -24.11 -13.17 -20.20
CA LEU A 218 -25.43 -13.72 -19.83
C LEU A 218 -25.43 -15.23 -19.70
N THR A 219 -24.72 -15.94 -20.58
CA THR A 219 -24.89 -17.38 -20.67
C THR A 219 -24.21 -18.13 -19.50
N ARG A 220 -23.02 -17.71 -19.07
CA ARG A 220 -22.38 -18.38 -17.93
C ARG A 220 -23.05 -17.98 -16.63
N LEU A 221 -23.63 -16.78 -16.59
CA LEU A 221 -24.38 -16.30 -15.45
C LEU A 221 -25.65 -17.11 -15.23
N TYR A 222 -26.44 -17.27 -16.31
CA TYR A 222 -27.67 -18.05 -16.25
C TYR A 222 -27.39 -19.53 -15.99
N LEU A 223 -26.32 -20.07 -16.62
CA LEU A 223 -25.94 -21.45 -16.43
C LEU A 223 -25.47 -21.72 -15.01
N THR A 224 -24.73 -20.80 -14.40
CA THR A 224 -24.23 -21.00 -13.05
C THR A 224 -25.34 -20.86 -12.02
N ILE A 225 -26.30 -19.95 -12.25
CA ILE A 225 -27.47 -19.83 -11.39
C ILE A 225 -28.31 -21.11 -11.40
N LEU A 226 -28.57 -21.63 -12.61
CA LEU A 226 -29.37 -22.85 -12.73
C LEU A 226 -28.59 -24.08 -12.25
N LEU A 227 -27.26 -24.06 -12.35
CA LEU A 227 -26.47 -25.19 -11.90
C LEU A 227 -26.42 -25.25 -10.39
N THR A 228 -26.34 -24.11 -9.69
CA THR A 228 -26.37 -24.18 -8.24
C THR A 228 -27.77 -24.48 -7.70
N VAL A 229 -28.82 -24.07 -8.44
CA VAL A 229 -30.18 -24.49 -8.09
C VAL A 229 -30.34 -26.00 -8.23
N LEU A 230 -29.79 -26.59 -9.30
CA LEU A 230 -29.89 -28.03 -9.48
C LEU A 230 -28.99 -28.81 -8.51
N VAL A 231 -27.84 -28.27 -8.10
CA VAL A 231 -27.01 -28.95 -7.10
C VAL A 231 -27.67 -28.92 -5.72
N PHE A 232 -28.33 -27.81 -5.35
CA PHE A 232 -29.14 -27.81 -4.13
C PHE A 232 -30.34 -28.75 -4.23
N LEU A 233 -30.92 -28.89 -5.42
CA LEU A 233 -32.11 -29.73 -5.51
C LEU A 233 -31.77 -31.21 -5.62
N LEU A 234 -30.57 -31.55 -6.10
CA LEU A 234 -30.19 -32.92 -6.39
C LEU A 234 -29.03 -33.47 -5.56
N CYS A 235 -28.39 -32.68 -4.72
CA CYS A 235 -27.27 -33.27 -3.98
C CYS A 235 -27.33 -32.98 -2.49
N GLY A 236 -27.75 -31.80 -2.09
CA GLY A 236 -27.76 -31.47 -0.69
C GLY A 236 -29.04 -31.89 0.00
N LEU A 237 -30.16 -31.25 -0.65
CA LEU A 237 -31.48 -31.63 -0.16
C LEU A 237 -31.91 -33.10 -0.09
N PRO A 238 -31.44 -34.09 -0.92
CA PRO A 238 -31.94 -35.48 -0.72
C PRO A 238 -31.57 -36.15 0.59
N PHE A 239 -30.22 -36.01 1.12
CA PHE A 239 -29.76 -36.69 2.37
C PHE A 239 -30.57 -36.16 3.55
N GLY A 240 -30.76 -34.84 3.61
CA GLY A 240 -31.51 -34.25 4.73
C GLY A 240 -32.96 -34.71 4.75
N ILE A 241 -33.63 -34.72 3.59
CA ILE A 241 -35.07 -35.07 3.60
C ILE A 241 -35.23 -36.54 4.02
N GLN A 242 -34.39 -37.44 3.51
CA GLN A 242 -34.58 -38.88 3.85
C GLN A 242 -34.33 -39.06 5.34
N TRP A 243 -33.30 -38.42 5.89
CA TRP A 243 -32.97 -38.57 7.33
C TRP A 243 -34.04 -37.96 8.23
N PHE A 244 -34.58 -36.78 7.87
CA PHE A 244 -35.52 -36.11 8.80
C PHE A 244 -37.00 -36.36 8.49
N LEU A 245 -37.42 -36.17 7.24
CA LEU A 245 -38.88 -36.27 6.95
C LEU A 245 -39.25 -37.64 6.36
N ILE A 246 -38.54 -38.09 5.33
CA ILE A 246 -38.94 -39.35 4.62
C ILE A 246 -38.88 -40.54 5.57
N LEU A 247 -37.87 -40.61 6.44
CA LEU A 247 -37.72 -41.80 7.29
C LEU A 247 -38.96 -41.97 8.19
N TRP A 248 -39.36 -40.90 8.87
CA TRP A 248 -40.53 -40.97 9.79
C TRP A 248 -41.86 -41.09 9.04
N ILE A 249 -42.09 -40.35 7.97
CA ILE A 249 -43.38 -40.48 7.32
C ILE A 249 -43.46 -41.68 6.38
N TRP A 250 -42.33 -42.14 5.85
CA TRP A 250 -42.35 -43.25 4.92
C TRP A 250 -42.86 -44.55 5.56
N LYS A 251 -42.35 -44.87 6.74
CA LYS A 251 -42.79 -46.04 7.51
C LYS A 251 -42.81 -47.40 6.79
N ASP A 252 -41.82 -47.69 5.96
CA ASP A 252 -41.77 -48.96 5.24
C ASP A 252 -40.68 -49.92 5.70
N SER A 253 -40.14 -49.62 6.88
CA SER A 253 -39.09 -50.40 7.58
C SER A 253 -37.66 -50.34 7.05
N ASP A 254 -36.86 -51.29 7.52
CA ASP A 254 -35.43 -51.41 7.22
C ASP A 254 -34.95 -51.66 5.79
N VAL A 255 -35.69 -52.43 5.00
CA VAL A 255 -35.20 -52.76 3.67
C VAL A 255 -34.94 -51.56 2.78
N LEU A 256 -35.86 -50.61 2.73
CA LEU A 256 -35.63 -49.44 1.90
C LEU A 256 -34.98 -48.34 2.72
N PHE A 257 -34.98 -48.47 4.04
CA PHE A 257 -34.39 -47.43 4.85
C PHE A 257 -32.92 -47.35 4.53
N CYS A 258 -32.24 -48.49 4.52
CA CYS A 258 -30.83 -48.55 4.18
C CYS A 258 -30.48 -48.29 2.72
N HIS A 259 -31.30 -48.82 1.81
CA HIS A 259 -31.06 -48.65 0.39
C HIS A 259 -31.14 -47.19 -0.01
N ILE A 260 -32.12 -46.50 0.57
CA ILE A 260 -32.30 -45.10 0.29
C ILE A 260 -31.35 -44.30 1.19
N HIS A 261 -30.49 -44.99 1.93
CA HIS A 261 -29.54 -44.27 2.84
C HIS A 261 -28.14 -44.13 2.19
N PRO A 262 -27.53 -45.17 1.59
CA PRO A 262 -26.24 -44.99 0.91
C PRO A 262 -26.30 -44.02 -0.27
N VAL A 263 -27.34 -44.11 -1.09
CA VAL A 263 -27.46 -43.22 -2.22
C VAL A 263 -27.47 -41.77 -1.78
N SER A 264 -28.41 -41.40 -0.92
CA SER A 264 -28.56 -40.01 -0.52
C SER A 264 -27.30 -39.47 0.11
N VAL A 265 -26.68 -40.22 1.00
CA VAL A 265 -25.45 -39.75 1.63
C VAL A 265 -24.37 -39.54 0.58
N VAL A 266 -24.27 -40.47 -0.38
CA VAL A 266 -23.27 -40.31 -1.44
C VAL A 266 -23.56 -39.01 -2.22
N LEU A 267 -24.83 -38.71 -2.50
CA LEU A 267 -25.20 -37.51 -3.20
C LEU A 267 -24.73 -36.32 -2.40
N SER A 268 -24.93 -36.33 -1.07
CA SER A 268 -24.48 -35.22 -0.24
C SER A 268 -22.98 -35.05 -0.35
N SER A 269 -22.22 -36.16 -0.36
CA SER A 269 -20.77 -36.05 -0.49
C SER A 269 -20.41 -35.39 -1.81
N LEU A 270 -21.12 -35.79 -2.88
CA LEU A 270 -20.89 -35.23 -4.20
C LEU A 270 -21.16 -33.73 -4.15
N ASN A 271 -22.24 -33.32 -3.46
CA ASN A 271 -22.58 -31.93 -3.34
C ASN A 271 -21.44 -31.18 -2.67
N SER A 272 -20.85 -31.76 -1.61
CA SER A 272 -19.76 -31.09 -0.93
C SER A 272 -18.60 -30.88 -1.89
N SER A 273 -18.29 -31.90 -2.69
CA SER A 273 -17.19 -31.75 -3.65
C SER A 273 -17.50 -30.61 -4.64
N ALA A 274 -18.77 -30.58 -5.08
CA ALA A 274 -19.24 -29.59 -6.01
C ALA A 274 -19.06 -28.21 -5.42
N ASN A 275 -19.34 -28.00 -4.12
CA ASN A 275 -19.13 -26.70 -3.45
C ASN A 275 -17.70 -26.30 -3.70
N PRO A 276 -16.74 -27.08 -3.12
CA PRO A 276 -15.40 -26.69 -3.55
C PRO A 276 -15.00 -26.54 -5.03
N ILE A 277 -15.63 -27.20 -6.00
CA ILE A 277 -15.21 -26.96 -7.36
C ILE A 277 -16.09 -25.94 -8.06
N ILE A 278 -16.99 -25.28 -7.32
CA ILE A 278 -17.88 -24.34 -8.02
C ILE A 278 -17.87 -22.94 -7.50
N TYR A 279 -17.92 -22.83 -6.19
CA TYR A 279 -18.01 -21.54 -5.52
C TYR A 279 -16.67 -20.84 -5.40
N PHE A 280 -15.58 -21.51 -5.71
CA PHE A 280 -14.33 -20.77 -5.72
C PHE A 280 -13.48 -20.99 -6.96
N PHE A 281 -13.43 -22.21 -7.50
CA PHE A 281 -12.52 -22.46 -8.64
C PHE A 281 -13.04 -21.93 -9.98
N VAL A 282 -14.36 -21.88 -10.19
CA VAL A 282 -14.87 -21.25 -11.41
C VAL A 282 -14.67 -19.74 -11.35
N GLY A 283 -14.96 -19.13 -10.19
CA GLY A 283 -14.72 -17.70 -10.02
C GLY A 283 -13.24 -17.34 -9.98
N SER A 284 -12.43 -18.18 -9.35
CA SER A 284 -11.01 -17.88 -9.22
C SER A 284 -10.18 -19.13 -9.49
N THR B 4 8.66 -10.34 25.11
CA THR B 4 9.98 -10.66 24.59
C THR B 4 10.65 -9.47 23.89
N LEU B 5 9.92 -8.36 23.79
CA LEU B 5 10.46 -7.09 23.34
C LEU B 5 10.14 -6.00 24.36
N SER B 6 10.80 -4.87 24.19
CA SER B 6 10.70 -3.76 25.13
C SER B 6 9.35 -3.06 25.03
N ALA B 7 9.12 -2.18 25.98
CA ALA B 7 7.92 -1.37 25.99
C ALA B 7 7.96 -0.29 24.93
N GLU B 8 9.15 0.15 24.55
CA GLU B 8 9.28 1.03 23.40
C GLU B 8 8.90 0.34 22.11
N ASP B 9 9.40 -0.88 21.90
CA ASP B 9 9.00 -1.62 20.72
C ASP B 9 7.56 -2.13 20.81
N LYS B 10 7.02 -2.33 22.02
CA LYS B 10 5.61 -2.66 22.15
C LYS B 10 4.70 -1.47 21.82
N ALA B 11 5.09 -0.27 22.22
CA ALA B 11 4.33 0.89 21.79
C ALA B 11 4.56 1.24 20.33
N ALA B 12 5.67 0.80 19.75
CA ALA B 12 5.85 0.94 18.31
C ALA B 12 4.94 -0.02 17.55
N VAL B 13 4.73 -1.23 18.08
CA VAL B 13 3.77 -2.16 17.47
C VAL B 13 2.34 -1.64 17.61
N GLU B 14 2.02 -0.99 18.74
CA GLU B 14 0.70 -0.39 18.87
C GLU B 14 0.53 0.83 17.96
N ARG B 15 1.60 1.60 17.72
CA ARG B 15 1.55 2.70 16.76
C ARG B 15 1.32 2.21 15.34
N SER B 16 2.02 1.16 14.93
CA SER B 16 1.81 0.56 13.63
C SER B 16 0.44 -0.08 13.49
N LYS B 17 -0.14 -0.58 14.59
CA LYS B 17 -1.50 -1.14 14.52
C LYS B 17 -2.55 -0.06 14.30
N MET B 18 -2.41 1.10 14.95
CA MET B 18 -3.39 2.15 14.66
C MET B 18 -3.15 2.82 13.32
N ILE B 19 -1.92 2.77 12.80
CA ILE B 19 -1.69 3.21 11.43
C ILE B 19 -2.34 2.24 10.44
N ASP B 20 -2.30 0.93 10.74
CA ASP B 20 -2.99 -0.10 9.95
C ASP B 20 -4.50 0.09 9.92
N ARG B 21 -5.09 0.42 11.08
CA ARG B 21 -6.53 0.67 11.17
C ARG B 21 -6.94 1.91 10.38
N ASN B 22 -6.12 2.97 10.42
CA ASN B 22 -6.44 4.19 9.68
C ASN B 22 -6.30 3.99 8.17
N LEU B 23 -5.31 3.22 7.73
CA LEU B 23 -5.16 2.92 6.30
C LEU B 23 -6.28 2.05 5.78
N ARG B 24 -6.72 1.06 6.58
CA ARG B 24 -7.81 0.19 6.16
C ARG B 24 -9.14 0.94 6.06
N GLU B 25 -9.43 1.84 7.01
CA GLU B 25 -10.67 2.58 6.90
C GLU B 25 -10.60 3.64 5.80
N ASP B 26 -9.41 4.15 5.47
CA ASP B 26 -9.29 5.08 4.34
C ASP B 26 -9.47 4.37 3.02
N GLY B 27 -8.97 3.14 2.89
CA GLY B 27 -9.16 2.39 1.65
C GLY B 27 -10.57 1.89 1.44
N GLU B 28 -11.24 1.48 2.52
CA GLU B 28 -12.63 1.09 2.40
C GLU B 28 -13.55 2.29 2.22
N LYS B 29 -13.14 3.48 2.67
CA LYS B 29 -13.81 4.70 2.24
C LYS B 29 -13.59 4.95 0.75
N ALA B 30 -12.37 4.76 0.27
CA ALA B 30 -12.01 5.18 -1.08
C ALA B 30 -12.30 4.13 -2.15
N ALA B 31 -12.87 2.99 -1.79
CA ALA B 31 -13.31 2.03 -2.80
C ALA B 31 -14.80 2.12 -3.09
N ARG B 32 -15.46 3.19 -2.64
CA ARG B 32 -16.88 3.39 -2.87
C ARG B 32 -17.20 4.60 -3.72
N GLU B 33 -16.28 5.55 -3.86
CA GLU B 33 -16.46 6.59 -4.87
C GLU B 33 -16.28 6.03 -6.26
N VAL B 34 -16.91 6.70 -7.21
CA VAL B 34 -16.89 6.32 -8.61
C VAL B 34 -15.91 7.22 -9.33
N LYS B 35 -14.90 6.62 -9.94
CA LYS B 35 -13.87 7.37 -10.64
C LYS B 35 -14.24 7.47 -12.11
N LEU B 36 -14.23 8.69 -12.65
CA LEU B 36 -14.60 8.90 -14.05
C LEU B 36 -13.50 9.64 -14.78
N LEU B 37 -12.82 8.94 -15.66
CA LEU B 37 -11.76 9.55 -16.47
C LEU B 37 -12.40 10.30 -17.61
N LEU B 38 -12.30 11.62 -17.61
CA LEU B 38 -12.81 12.44 -18.69
C LEU B 38 -11.72 12.63 -19.72
N LEU B 39 -11.98 12.23 -20.96
CA LEU B 39 -11.07 12.47 -22.06
C LEU B 39 -11.77 13.34 -23.09
N GLY B 40 -11.13 13.51 -24.24
CA GLY B 40 -11.69 14.33 -25.29
C GLY B 40 -10.82 15.51 -25.66
N ALA B 41 -11.05 16.11 -26.83
CA ALA B 41 -10.29 17.28 -27.24
C ALA B 41 -10.76 18.52 -26.47
N GLY B 42 -10.00 19.59 -26.60
CA GLY B 42 -10.11 20.71 -25.66
C GLY B 42 -11.36 21.56 -25.86
N GLU B 43 -11.80 21.72 -27.10
CA GLU B 43 -12.96 22.54 -27.42
C GLU B 43 -14.21 21.69 -27.61
N SER B 44 -14.34 20.62 -26.82
CA SER B 44 -15.47 19.72 -26.92
C SER B 44 -16.61 20.06 -25.98
N GLY B 45 -16.56 21.22 -25.34
CA GLY B 45 -17.62 21.60 -24.42
C GLY B 45 -17.51 20.95 -23.07
N LYS B 46 -16.30 20.55 -22.67
CA LYS B 46 -16.11 19.80 -21.44
C LYS B 46 -16.26 20.68 -20.21
N SER B 47 -16.00 21.98 -20.34
CA SER B 47 -16.23 22.88 -19.22
C SER B 47 -17.71 23.03 -18.93
N THR B 48 -18.54 23.04 -19.97
CA THR B 48 -19.98 23.13 -19.82
C THR B 48 -20.55 21.89 -19.15
N ILE B 49 -19.98 20.71 -19.44
CA ILE B 49 -20.48 19.56 -18.72
C ILE B 49 -19.92 19.50 -17.30
N VAL B 50 -18.78 20.16 -17.01
CA VAL B 50 -18.39 20.30 -15.60
C VAL B 50 -19.39 21.18 -14.85
N LYS B 51 -19.81 22.30 -15.45
CA LYS B 51 -20.84 23.09 -14.78
C LYS B 51 -22.24 22.47 -14.79
N GLN B 52 -22.51 21.41 -15.55
CA GLN B 52 -23.84 20.80 -15.35
C GLN B 52 -23.79 19.47 -14.59
N MET B 53 -22.65 18.76 -14.53
CA MET B 53 -22.52 17.70 -13.53
C MET B 53 -22.28 18.22 -12.12
N LYS B 54 -21.79 19.46 -11.94
CA LYS B 54 -21.50 19.96 -10.59
C LYS B 54 -22.76 20.15 -9.73
N THR B 182 -2.34 24.18 -12.05
CA THR B 182 -2.17 23.42 -13.28
C THR B 182 -2.09 21.92 -13.00
N GLY B 183 -1.75 21.14 -14.02
CA GLY B 183 -1.69 19.71 -13.87
C GLY B 183 -3.02 19.02 -14.10
N ILE B 184 -3.30 17.98 -13.33
CA ILE B 184 -4.55 17.27 -13.43
C ILE B 184 -5.62 18.06 -12.70
N VAL B 185 -6.87 17.94 -13.13
CA VAL B 185 -7.99 18.69 -12.56
C VAL B 185 -9.05 17.69 -12.10
N GLU B 186 -9.44 17.75 -10.84
CA GLU B 186 -10.36 16.80 -10.26
C GLU B 186 -11.65 17.48 -9.83
N THR B 187 -12.78 16.90 -10.19
CA THR B 187 -14.10 17.45 -9.91
C THR B 187 -14.89 16.48 -9.03
N HIS B 188 -15.56 17.02 -8.01
CA HIS B 188 -16.31 16.23 -7.05
C HIS B 188 -17.79 16.58 -7.13
N PHE B 189 -18.63 15.55 -7.26
CA PHE B 189 -20.07 15.74 -7.25
C PHE B 189 -20.74 14.45 -6.82
N THR B 190 -21.87 14.60 -6.13
CA THR B 190 -22.65 13.45 -5.69
C THR B 190 -24.07 13.56 -6.22
N PHE B 191 -24.67 12.40 -6.48
CA PHE B 191 -25.96 12.32 -7.16
C PHE B 191 -26.59 10.98 -6.84
N LYS B 192 -27.71 11.03 -6.11
CA LYS B 192 -28.51 9.86 -5.69
C LYS B 192 -27.69 8.87 -4.88
N ASP B 193 -27.05 9.39 -3.81
CA ASP B 193 -26.26 8.65 -2.82
C ASP B 193 -25.10 7.87 -3.43
N LEU B 194 -24.49 8.44 -4.46
CA LEU B 194 -23.33 7.87 -5.12
C LEU B 194 -22.32 8.98 -5.32
N HIS B 195 -21.13 8.84 -4.75
CA HIS B 195 -20.11 9.87 -4.83
C HIS B 195 -19.26 9.63 -6.07
N PHE B 196 -19.10 10.67 -6.88
CA PHE B 196 -18.35 10.58 -8.12
C PHE B 196 -17.05 11.35 -8.03
N LYS B 197 -16.08 10.95 -8.85
CA LYS B 197 -14.79 11.63 -8.93
C LYS B 197 -14.43 11.72 -10.39
N MET B 198 -14.35 12.94 -10.91
CA MET B 198 -14.12 13.18 -12.32
C MET B 198 -12.73 13.76 -12.52
N PHE B 199 -11.92 13.11 -13.33
CA PHE B 199 -10.51 13.46 -13.49
C PHE B 199 -10.29 14.05 -14.88
N ASP B 200 -10.51 15.36 -14.99
CA ASP B 200 -10.20 16.09 -16.21
C ASP B 200 -8.69 16.14 -16.39
N VAL B 201 -8.18 15.49 -17.41
CA VAL B 201 -6.74 15.30 -17.52
C VAL B 201 -6.22 15.94 -18.81
N GLY B 202 -7.01 16.86 -19.38
CA GLY B 202 -6.62 17.54 -20.61
C GLY B 202 -5.50 18.54 -20.45
N GLY B 203 -5.27 19.04 -19.24
CA GLY B 203 -4.14 19.92 -18.98
C GLY B 203 -2.80 19.24 -18.96
N GLN B 204 -2.76 17.91 -18.90
CA GLN B 204 -1.52 17.15 -18.99
C GLN B 204 -1.13 17.00 -20.45
N ARG B 205 -0.51 18.04 -20.99
CA ARG B 205 -0.09 18.07 -22.38
C ARG B 205 1.26 17.39 -22.52
N SER B 206 1.24 16.06 -22.47
CA SER B 206 2.43 15.24 -22.54
C SER B 206 2.07 13.94 -23.26
N GLU B 207 2.95 12.94 -23.15
CA GLU B 207 2.65 11.63 -23.72
C GLU B 207 1.58 10.93 -22.90
N ARG B 208 0.58 10.37 -23.59
CA ARG B 208 -0.55 9.80 -22.90
C ARG B 208 -0.26 8.47 -22.23
N LYS B 209 0.79 7.76 -22.66
CA LYS B 209 0.91 6.33 -22.39
C LYS B 209 1.20 6.02 -20.91
N LYS B 210 2.08 6.81 -20.29
CA LYS B 210 2.52 6.58 -18.91
C LYS B 210 1.40 6.83 -17.92
N TRP B 211 0.87 8.03 -17.93
CA TRP B 211 -0.23 8.30 -17.03
C TRP B 211 -1.56 7.71 -17.50
N ILE B 212 -1.63 7.15 -18.71
CA ILE B 212 -2.85 6.43 -19.04
C ILE B 212 -2.77 4.99 -18.54
N HIS B 213 -1.56 4.45 -18.29
CA HIS B 213 -1.55 3.22 -17.53
C HIS B 213 -1.77 3.47 -16.05
N CYS B 214 -1.54 4.69 -15.59
CA CYS B 214 -1.89 5.01 -14.21
C CYS B 214 -3.40 5.19 -13.97
N PHE B 215 -4.25 5.12 -15.00
CA PHE B 215 -5.70 5.24 -14.84
C PHE B 215 -6.49 3.98 -15.12
N GLU B 216 -5.88 2.79 -15.04
CA GLU B 216 -6.73 1.61 -15.11
C GLU B 216 -7.45 1.42 -13.79
N GLY B 217 -8.50 0.61 -13.84
CA GLY B 217 -9.35 0.45 -12.70
C GLY B 217 -10.33 1.57 -12.51
N VAL B 218 -10.44 2.45 -13.47
CA VAL B 218 -11.40 3.53 -13.43
C VAL B 218 -12.75 2.94 -13.82
N THR B 219 -13.83 3.54 -13.33
CA THR B 219 -15.15 2.96 -13.49
C THR B 219 -15.67 3.14 -14.92
N ALA B 220 -15.78 4.38 -15.38
CA ALA B 220 -16.22 4.65 -16.73
C ALA B 220 -15.47 5.86 -17.29
N ILE B 221 -15.47 5.98 -18.61
CA ILE B 221 -14.76 7.03 -19.33
C ILE B 221 -15.80 7.92 -19.99
N ILE B 222 -15.67 9.23 -19.80
CA ILE B 222 -16.60 10.19 -20.40
C ILE B 222 -15.88 10.84 -21.57
N PHE B 223 -16.01 10.24 -22.75
CA PHE B 223 -15.49 10.86 -23.96
C PHE B 223 -16.47 11.94 -24.39
N CYS B 224 -15.95 13.08 -24.85
CA CYS B 224 -16.78 14.19 -25.28
C CYS B 224 -16.40 14.58 -26.70
N VAL B 225 -17.37 14.53 -27.61
CA VAL B 225 -17.18 14.99 -28.97
C VAL B 225 -18.20 16.10 -29.22
N ALA B 226 -17.72 17.26 -29.62
CA ALA B 226 -18.62 18.30 -30.08
C ALA B 226 -19.11 17.94 -31.47
N LEU B 227 -20.41 18.05 -31.69
CA LEU B 227 -20.96 17.70 -32.99
C LEU B 227 -20.66 18.77 -34.03
N SER B 228 -20.46 20.01 -33.59
CA SER B 228 -20.30 21.14 -34.51
C SER B 228 -18.97 21.15 -35.23
N ASP B 229 -17.97 20.44 -34.75
CA ASP B 229 -16.63 20.53 -35.31
C ASP B 229 -16.39 19.39 -36.31
N TYR B 230 -17.24 19.31 -37.33
CA TYR B 230 -17.01 18.37 -38.41
C TYR B 230 -16.23 19.01 -39.55
N ASP B 231 -16.53 20.27 -39.84
CA ASP B 231 -15.91 21.04 -40.90
C ASP B 231 -14.96 22.08 -40.36
N LEU B 232 -14.93 22.27 -39.05
CA LEU B 232 -14.21 23.36 -38.45
C LEU B 232 -12.76 22.92 -38.27
N VAL B 233 -11.85 23.85 -38.54
CA VAL B 233 -10.43 23.52 -38.68
C VAL B 233 -9.77 23.40 -37.32
N LEU B 234 -8.55 22.87 -37.29
CA LEU B 234 -7.81 22.74 -36.04
C LEU B 234 -6.94 23.98 -35.86
N MET B 240 -6.48 20.22 -40.22
CA MET B 240 -6.99 18.86 -40.13
C MET B 240 -8.32 18.92 -39.40
N ASN B 241 -9.26 18.05 -39.76
CA ASN B 241 -10.61 18.11 -39.20
C ASN B 241 -10.62 17.59 -37.76
N ARG B 242 -11.65 18.00 -37.02
CA ARG B 242 -11.68 17.69 -35.60
C ARG B 242 -12.36 16.37 -35.28
N MET B 243 -13.33 15.93 -36.11
CA MET B 243 -13.87 14.59 -35.95
C MET B 243 -12.85 13.51 -36.25
N HIS B 244 -11.91 13.76 -37.16
CA HIS B 244 -10.93 12.73 -37.47
C HIS B 244 -9.92 12.58 -36.34
N GLU B 245 -9.54 13.68 -35.68
CA GLU B 245 -8.70 13.60 -34.50
C GLU B 245 -9.45 13.01 -33.31
N SER B 246 -10.76 13.28 -33.20
CA SER B 246 -11.56 12.67 -32.15
C SER B 246 -11.73 11.17 -32.37
N MET B 247 -11.80 10.73 -33.63
CA MET B 247 -11.80 9.29 -33.90
C MET B 247 -10.44 8.66 -33.63
N LYS B 248 -9.35 9.39 -33.84
CA LYS B 248 -8.03 8.90 -33.43
C LYS B 248 -7.94 8.70 -31.92
N LEU B 249 -8.48 9.66 -31.15
CA LEU B 249 -8.47 9.55 -29.70
C LEU B 249 -9.40 8.44 -29.19
N PHE B 250 -10.59 8.31 -29.79
CA PHE B 250 -11.55 7.29 -29.40
C PHE B 250 -11.05 5.89 -29.75
N ASP B 251 -10.41 5.74 -30.91
CA ASP B 251 -9.82 4.47 -31.30
C ASP B 251 -8.65 4.12 -30.40
N SER B 252 -7.86 5.13 -30.00
CA SER B 252 -6.69 4.89 -29.18
C SER B 252 -7.06 4.53 -27.74
N ILE B 253 -8.18 5.02 -27.22
CA ILE B 253 -8.56 4.58 -25.88
C ILE B 253 -9.48 3.35 -25.87
N CYS B 254 -10.18 3.04 -26.98
CA CYS B 254 -10.91 1.78 -27.01
C CYS B 254 -9.98 0.60 -27.22
N ASN B 255 -8.95 0.76 -28.04
CA ASN B 255 -8.06 -0.35 -28.33
C ASN B 255 -6.90 -0.46 -27.36
N ASN B 256 -6.92 0.32 -26.28
CA ASN B 256 -5.85 0.33 -25.30
C ASN B 256 -5.88 -0.95 -24.47
N LYS B 257 -4.70 -1.37 -24.02
CA LYS B 257 -4.59 -2.56 -23.19
C LYS B 257 -5.19 -2.34 -21.81
N TRP B 258 -5.09 -1.12 -21.29
CA TRP B 258 -5.51 -0.84 -19.93
C TRP B 258 -7.00 -0.60 -19.80
N PHE B 259 -7.71 -0.41 -20.91
CA PHE B 259 -9.16 -0.22 -20.90
C PHE B 259 -9.77 -1.29 -21.80
N THR B 260 -9.94 -2.50 -21.26
CA THR B 260 -10.54 -3.59 -22.01
C THR B 260 -11.86 -4.04 -21.44
N ASP B 261 -12.21 -3.62 -20.24
CA ASP B 261 -13.51 -3.89 -19.66
C ASP B 261 -14.23 -2.61 -19.28
N THR B 262 -13.82 -1.48 -19.82
CA THR B 262 -14.27 -0.18 -19.33
C THR B 262 -15.42 0.34 -20.17
N SER B 263 -16.51 0.69 -19.51
CA SER B 263 -17.62 1.33 -20.18
C SER B 263 -17.25 2.74 -20.56
N ILE B 264 -17.75 3.20 -21.71
CA ILE B 264 -17.47 4.55 -22.20
C ILE B 264 -18.79 5.29 -22.31
N ILE B 265 -18.91 6.40 -21.61
CA ILE B 265 -20.10 7.23 -21.67
C ILE B 265 -19.82 8.33 -22.67
N LEU B 266 -20.03 8.05 -23.95
CA LEU B 266 -19.69 9.00 -25.00
C LEU B 266 -20.75 10.08 -25.08
N PHE B 267 -20.35 11.32 -24.88
CA PHE B 267 -21.29 12.42 -25.02
C PHE B 267 -21.15 13.00 -26.42
N LEU B 268 -22.24 13.56 -26.94
CA LEU B 268 -22.20 14.23 -28.22
C LEU B 268 -22.73 15.65 -28.00
N ASN B 269 -21.83 16.63 -28.17
CA ASN B 269 -21.98 17.96 -27.62
C ASN B 269 -22.37 18.95 -28.70
N LYS B 270 -23.01 20.04 -28.26
CA LYS B 270 -23.34 21.23 -29.06
C LYS B 270 -24.22 20.89 -30.26
N LYS B 271 -25.36 20.27 -29.97
CA LYS B 271 -26.21 19.79 -31.06
C LYS B 271 -26.98 20.90 -31.75
N ASP B 272 -27.19 22.04 -31.09
CA ASP B 272 -27.84 23.16 -31.75
C ASP B 272 -26.92 23.81 -32.78
N LEU B 273 -25.62 23.88 -32.48
CA LEU B 273 -24.67 24.33 -33.50
C LEU B 273 -24.50 23.29 -34.60
N PHE B 274 -24.76 22.01 -34.31
CA PHE B 274 -24.90 21.02 -35.36
C PHE B 274 -26.16 21.24 -36.20
N GLU B 275 -27.25 21.74 -35.61
CA GLU B 275 -28.47 22.05 -36.37
C GLU B 275 -28.25 23.20 -37.34
N GLU B 276 -27.85 24.36 -36.84
CA GLU B 276 -27.49 25.47 -37.74
C GLU B 276 -26.08 25.38 -38.32
N LYS B 277 -25.41 24.23 -38.29
CA LYS B 277 -24.33 23.97 -39.22
C LYS B 277 -24.68 22.92 -40.27
N ILE B 278 -25.70 22.09 -40.03
CA ILE B 278 -26.12 21.12 -41.02
C ILE B 278 -27.27 21.64 -41.88
N LYS B 279 -27.94 22.72 -41.46
CA LYS B 279 -28.89 23.36 -42.35
C LYS B 279 -28.22 24.33 -43.31
N LYS B 280 -26.94 24.65 -43.08
CA LYS B 280 -26.17 25.56 -43.90
C LYS B 280 -25.15 24.86 -44.78
N SER B 281 -24.48 23.85 -44.25
CA SER B 281 -23.41 23.14 -44.92
C SER B 281 -23.60 21.64 -44.76
N PRO B 282 -23.30 20.85 -45.80
CA PRO B 282 -23.42 19.40 -45.67
C PRO B 282 -22.28 18.82 -44.85
N LEU B 283 -22.52 17.61 -44.33
CA LEU B 283 -21.49 16.86 -43.64
C LEU B 283 -20.53 16.16 -44.59
N THR B 284 -20.80 16.16 -45.89
CA THR B 284 -19.96 15.45 -46.86
C THR B 284 -18.61 16.12 -47.08
N ILE B 285 -18.41 17.35 -46.59
CA ILE B 285 -17.06 17.91 -46.49
C ILE B 285 -16.25 17.14 -45.45
N CYS B 286 -16.89 16.82 -44.32
CA CYS B 286 -16.21 16.05 -43.28
C CYS B 286 -16.07 14.58 -43.69
N TYR B 287 -17.15 13.99 -44.20
CA TYR B 287 -17.18 12.58 -44.58
C TYR B 287 -17.50 12.48 -46.07
N PRO B 288 -16.49 12.44 -46.93
CA PRO B 288 -16.75 12.35 -48.38
C PRO B 288 -17.24 10.99 -48.84
N GLU B 289 -17.12 9.94 -48.02
CA GLU B 289 -17.69 8.63 -48.32
C GLU B 289 -19.06 8.45 -47.69
N TYR B 290 -19.75 9.53 -47.38
CA TYR B 290 -21.09 9.49 -46.81
C TYR B 290 -22.08 10.03 -47.84
N ALA B 291 -23.10 9.22 -48.15
CA ALA B 291 -24.23 9.66 -48.94
C ALA B 291 -25.49 9.35 -48.15
N GLY B 292 -26.20 10.40 -47.75
CA GLY B 292 -27.34 10.21 -46.88
C GLY B 292 -28.34 11.34 -47.03
N SER B 293 -29.24 11.42 -46.06
CA SER B 293 -30.37 12.34 -46.16
C SER B 293 -29.95 13.78 -45.90
N ASN B 294 -28.83 13.98 -45.19
CA ASN B 294 -28.24 15.28 -44.85
C ASN B 294 -29.17 16.18 -44.04
N THR B 295 -30.07 15.58 -43.27
CA THR B 295 -30.71 16.21 -42.14
C THR B 295 -29.89 15.90 -40.89
N TYR B 296 -30.34 16.33 -39.72
CA TYR B 296 -29.50 16.15 -38.54
C TYR B 296 -29.60 14.75 -37.97
N GLU B 297 -30.77 14.10 -38.09
CA GLU B 297 -30.99 12.79 -37.46
C GLU B 297 -30.18 11.69 -38.12
N GLU B 298 -30.24 11.61 -39.45
CA GLU B 298 -29.53 10.55 -40.17
C GLU B 298 -28.03 10.76 -40.16
N ALA B 299 -27.58 12.00 -40.28
CA ALA B 299 -26.15 12.28 -40.27
C ALA B 299 -25.56 12.14 -38.87
N ALA B 300 -26.33 12.52 -37.84
CA ALA B 300 -25.90 12.34 -36.46
C ALA B 300 -25.83 10.86 -36.09
N ALA B 301 -26.79 10.07 -36.57
CA ALA B 301 -26.73 8.62 -36.39
C ALA B 301 -25.59 8.00 -37.18
N TYR B 302 -25.22 8.61 -38.32
CA TYR B 302 -24.09 8.11 -39.10
C TYR B 302 -22.77 8.35 -38.38
N ILE B 303 -22.55 9.54 -37.85
CA ILE B 303 -21.30 9.80 -37.14
C ILE B 303 -21.27 9.12 -35.78
N GLN B 304 -22.44 8.87 -35.17
CA GLN B 304 -22.53 8.01 -33.99
C GLN B 304 -22.06 6.60 -34.29
N CYS B 305 -22.53 6.01 -35.39
CA CYS B 305 -22.10 4.65 -35.72
C CYS B 305 -20.66 4.59 -36.21
N GLN B 306 -20.14 5.66 -36.83
CA GLN B 306 -18.70 5.73 -37.09
C GLN B 306 -17.89 5.85 -35.81
N PHE B 307 -18.44 6.44 -34.75
CA PHE B 307 -17.72 6.38 -33.49
C PHE B 307 -17.84 5.01 -32.82
N GLU B 308 -19.00 4.36 -32.93
CA GLU B 308 -19.23 3.06 -32.31
C GLU B 308 -18.44 1.94 -32.98
N ASP B 309 -18.13 2.07 -34.26
CA ASP B 309 -17.47 0.99 -34.99
C ASP B 309 -15.97 0.92 -34.77
N LEU B 310 -15.40 1.78 -33.91
CA LEU B 310 -13.96 1.86 -33.75
C LEU B 310 -13.40 0.81 -32.79
N ASN B 311 -14.26 0.01 -32.15
CA ASN B 311 -13.78 -1.07 -31.30
C ASN B 311 -13.11 -2.16 -32.10
N LYS B 312 -12.03 -2.71 -31.57
CA LYS B 312 -11.59 -4.00 -32.07
C LYS B 312 -12.48 -5.11 -31.53
N ARG B 313 -12.89 -5.00 -30.27
CA ARG B 313 -13.67 -6.02 -29.58
C ARG B 313 -14.91 -5.36 -29.01
N LYS B 314 -16.09 -5.75 -29.51
CA LYS B 314 -17.35 -5.16 -29.11
C LYS B 314 -18.09 -5.93 -28.03
N ASP B 315 -17.52 -7.05 -27.58
CA ASP B 315 -18.24 -7.92 -26.65
C ASP B 315 -17.95 -7.59 -25.19
N THR B 316 -16.79 -7.01 -24.89
CA THR B 316 -16.42 -6.67 -23.52
C THR B 316 -16.79 -5.22 -23.18
N LYS B 317 -16.27 -4.27 -23.94
CA LYS B 317 -16.60 -2.88 -23.71
C LYS B 317 -18.02 -2.59 -24.16
N GLU B 318 -18.69 -1.71 -23.42
CA GLU B 318 -20.08 -1.36 -23.70
C GLU B 318 -20.17 0.15 -23.79
N ILE B 319 -20.32 0.68 -25.00
CA ILE B 319 -20.25 2.11 -25.23
C ILE B 319 -21.65 2.71 -25.16
N TYR B 320 -21.79 3.73 -24.32
CA TYR B 320 -23.05 4.43 -24.11
C TYR B 320 -22.95 5.77 -24.80
N THR B 321 -24.01 6.19 -25.48
CA THR B 321 -23.97 7.39 -26.30
C THR B 321 -25.19 8.27 -26.04
N HIS B 322 -24.97 9.57 -25.88
CA HIS B 322 -26.03 10.50 -25.55
C HIS B 322 -25.91 11.75 -26.41
N PHE B 323 -27.05 12.38 -26.69
CA PHE B 323 -27.14 13.67 -27.37
C PHE B 323 -27.66 14.71 -26.40
N THR B 324 -26.95 15.83 -26.28
CA THR B 324 -27.40 16.91 -25.43
C THR B 324 -26.84 18.24 -25.92
N CYS B 325 -27.35 19.31 -25.35
CA CYS B 325 -26.87 20.67 -25.59
C CYS B 325 -26.65 21.35 -24.24
N ALA B 326 -26.13 22.57 -24.29
CA ALA B 326 -25.82 23.32 -23.07
C ALA B 326 -27.08 23.77 -22.34
N THR B 327 -28.18 23.98 -23.05
CA THR B 327 -29.42 24.42 -22.42
C THR B 327 -30.09 23.28 -21.66
N ASP B 328 -29.98 22.04 -22.17
CA ASP B 328 -30.71 20.90 -21.63
C ASP B 328 -30.15 20.47 -20.28
N THR B 329 -31.06 20.05 -19.40
CA THR B 329 -30.81 20.06 -17.96
C THR B 329 -30.31 18.71 -17.44
N LYS B 330 -31.10 17.64 -17.62
CA LYS B 330 -30.84 16.37 -16.98
C LYS B 330 -29.89 15.55 -17.84
N ASN B 331 -28.60 15.65 -17.53
CA ASN B 331 -27.57 14.92 -18.24
C ASN B 331 -26.73 14.06 -17.31
N VAL B 332 -26.86 14.25 -16.00
CA VAL B 332 -26.23 13.38 -15.01
C VAL B 332 -26.87 12.00 -14.96
N GLN B 333 -28.12 11.87 -15.42
CA GLN B 333 -28.86 10.63 -15.29
C GLN B 333 -28.34 9.58 -16.25
N PHE B 334 -27.80 10.00 -17.39
CA PHE B 334 -27.29 9.05 -18.36
C PHE B 334 -25.97 8.46 -17.87
N VAL B 335 -25.17 9.32 -17.22
CA VAL B 335 -23.95 8.91 -16.53
C VAL B 335 -24.29 7.93 -15.41
N PHE B 336 -25.35 8.22 -14.65
CA PHE B 336 -25.77 7.37 -13.54
C PHE B 336 -26.24 6.00 -14.01
N ASP B 337 -26.94 5.95 -15.15
CA ASP B 337 -27.40 4.67 -15.70
C ASP B 337 -26.24 3.82 -16.20
N ALA B 338 -25.27 4.45 -16.88
CA ALA B 338 -24.11 3.71 -17.35
C ALA B 338 -23.24 3.21 -16.20
N VAL B 339 -23.08 4.03 -15.17
CA VAL B 339 -22.29 3.57 -14.04
C VAL B 339 -23.04 2.57 -13.18
N THR B 340 -24.38 2.57 -13.12
CA THR B 340 -25.02 1.55 -12.31
C THR B 340 -25.04 0.22 -13.03
N ASP B 341 -24.96 0.22 -14.36
CA ASP B 341 -24.75 -1.05 -15.07
C ASP B 341 -23.35 -1.61 -14.83
N VAL B 342 -22.32 -0.75 -14.79
CA VAL B 342 -21.00 -1.32 -14.52
C VAL B 342 -20.77 -1.60 -13.02
N ILE B 343 -21.48 -0.93 -12.10
CA ILE B 343 -21.55 -1.37 -10.71
C ILE B 343 -22.25 -2.73 -10.56
N ILE B 344 -23.25 -3.02 -11.40
CA ILE B 344 -23.89 -4.34 -11.41
C ILE B 344 -22.90 -5.42 -11.82
N LYS B 345 -22.11 -5.16 -12.87
CA LYS B 345 -21.11 -6.12 -13.32
C LYS B 345 -19.99 -6.32 -12.30
N ASN B 346 -19.59 -5.24 -11.62
CA ASN B 346 -18.57 -5.39 -10.58
C ASN B 346 -19.12 -6.01 -9.31
N ASN B 347 -20.42 -5.89 -9.04
CA ASN B 347 -21.01 -6.59 -7.90
C ASN B 347 -21.19 -8.08 -8.18
N LEU B 348 -21.34 -8.49 -9.45
CA LEU B 348 -21.15 -9.91 -9.73
C LEU B 348 -19.72 -10.34 -9.57
N LYS B 349 -18.75 -9.49 -9.93
CA LYS B 349 -17.36 -9.91 -9.78
C LYS B 349 -16.93 -9.97 -8.32
N ASP B 350 -17.57 -9.19 -7.44
CA ASP B 350 -17.30 -9.30 -6.01
C ASP B 350 -17.82 -10.61 -5.44
N CYS B 351 -18.99 -11.05 -5.89
CA CYS B 351 -19.64 -12.26 -5.39
C CYS B 351 -19.28 -13.49 -6.19
N GLY B 352 -18.13 -13.48 -6.86
CA GLY B 352 -17.57 -14.68 -7.47
C GLY B 352 -18.30 -15.22 -8.67
N LEU B 353 -19.10 -14.39 -9.34
CA LEU B 353 -20.01 -14.87 -10.37
C LEU B 353 -19.66 -14.29 -11.73
N SER C 20 18.09 28.06 -48.19
CA SER C 20 17.69 27.67 -46.84
C SER C 20 18.92 27.50 -45.94
N GLU C 21 19.01 28.33 -44.89
CA GLU C 21 20.13 28.26 -43.97
C GLU C 21 19.92 27.22 -42.88
N LEU C 22 18.67 26.87 -42.60
CA LEU C 22 18.41 25.97 -41.48
C LEU C 22 18.67 24.52 -41.88
N ASP C 23 18.53 24.18 -43.18
CA ASP C 23 18.84 22.82 -43.62
C ASP C 23 20.35 22.60 -43.70
N GLN C 24 21.11 23.61 -44.11
CA GLN C 24 22.56 23.45 -44.05
C GLN C 24 23.05 23.49 -42.61
N LEU C 25 22.35 24.22 -41.72
CA LEU C 25 22.75 24.24 -40.31
C LEU C 25 22.42 22.91 -39.61
N ARG C 26 21.31 22.25 -39.99
CA ARG C 26 21.10 20.91 -39.45
C ARG C 26 22.01 19.88 -40.11
N GLN C 27 22.57 20.13 -41.30
CA GLN C 27 23.58 19.15 -41.72
C GLN C 27 24.96 19.42 -41.13
N GLU C 28 25.26 20.64 -40.62
CA GLU C 28 26.43 20.68 -39.73
C GLU C 28 26.16 20.00 -38.39
N ALA C 29 24.90 20.01 -37.92
CA ALA C 29 24.56 19.17 -36.76
C ALA C 29 24.72 17.68 -37.06
N GLU C 30 24.36 17.26 -38.28
CA GLU C 30 24.54 15.88 -38.71
C GLU C 30 26.01 15.47 -38.76
N GLN C 31 26.88 16.35 -39.28
CA GLN C 31 28.29 15.98 -39.29
C GLN C 31 28.90 16.08 -37.90
N LEU C 32 28.33 16.91 -37.00
CA LEU C 32 28.73 16.92 -35.59
C LEU C 32 28.42 15.59 -34.90
N LYS C 33 27.26 15.00 -35.22
CA LYS C 33 26.96 13.62 -34.82
C LYS C 33 27.96 12.63 -35.39
N ASN C 34 28.43 12.88 -36.62
CA ASN C 34 29.49 12.01 -37.18
C ASN C 34 30.82 12.12 -36.42
N GLN C 35 31.26 13.35 -36.01
CA GLN C 35 32.50 13.39 -35.22
C GLN C 35 32.34 12.78 -33.83
N ILE C 36 31.18 12.95 -33.19
CA ILE C 36 30.95 12.36 -31.87
C ILE C 36 30.94 10.83 -31.94
N ARG C 37 30.30 10.26 -32.99
CA ARG C 37 30.25 8.81 -33.08
C ARG C 37 31.59 8.19 -33.48
N ASP C 38 32.36 8.80 -34.42
CA ASP C 38 33.61 8.08 -34.71
C ASP C 38 34.68 8.40 -33.67
N ALA C 39 34.50 9.45 -32.86
CA ALA C 39 35.34 9.65 -31.70
C ALA C 39 35.13 8.56 -30.66
N ARG C 40 33.87 8.29 -30.30
CA ARG C 40 33.66 7.27 -29.28
C ARG C 40 33.75 5.84 -29.83
N LYS C 41 33.77 5.66 -31.15
CA LYS C 41 34.13 4.35 -31.70
C LYS C 41 35.62 4.20 -31.96
N ALA C 42 36.36 5.28 -32.18
CA ALA C 42 37.80 5.22 -32.29
C ALA C 42 38.45 5.06 -30.93
N CYS C 43 37.77 5.52 -29.87
CA CYS C 43 38.25 5.25 -28.52
C CYS C 43 37.79 3.90 -28.01
N ALA C 44 36.95 3.19 -28.76
CA ALA C 44 36.43 1.89 -28.35
C ALA C 44 37.36 0.79 -28.85
N ASP C 45 37.93 0.02 -27.92
CA ASP C 45 38.74 -1.12 -28.31
C ASP C 45 38.17 -2.47 -27.85
N ALA C 46 37.72 -2.57 -26.61
CA ALA C 46 37.33 -3.86 -26.07
C ALA C 46 36.00 -3.75 -25.35
N THR C 47 35.08 -4.65 -25.68
CA THR C 47 33.86 -4.87 -24.92
C THR C 47 34.24 -5.37 -23.52
N LEU C 48 33.50 -4.90 -22.50
CA LEU C 48 33.70 -5.28 -21.10
C LEU C 48 33.62 -6.80 -20.85
N SER C 49 32.82 -7.53 -21.62
CA SER C 49 32.82 -8.98 -21.55
C SER C 49 34.12 -9.61 -22.03
N GLN C 50 34.85 -8.92 -22.92
CA GLN C 50 36.06 -9.51 -23.47
C GLN C 50 37.23 -9.47 -22.50
N ILE C 51 37.13 -8.68 -21.43
CA ILE C 51 38.11 -8.72 -20.35
C ILE C 51 37.52 -9.21 -19.04
N THR C 52 36.20 -9.35 -18.94
CA THR C 52 35.57 -9.80 -17.71
C THR C 52 35.34 -11.32 -17.76
N ASN C 53 35.89 -11.98 -18.78
CA ASN C 53 35.88 -13.44 -18.86
C ASN C 53 36.76 -14.05 -17.77
N ASN C 54 37.81 -13.35 -17.34
CA ASN C 54 38.72 -13.88 -16.35
C ASN C 54 38.24 -13.74 -14.92
N ILE C 55 37.12 -13.06 -14.67
CA ILE C 55 36.52 -13.06 -13.34
C ILE C 55 35.61 -14.27 -13.22
N ASP C 56 35.35 -14.69 -11.98
CA ASP C 56 34.43 -15.82 -11.86
C ASP C 56 33.02 -15.38 -11.47
N PRO C 57 31.99 -16.04 -11.99
CA PRO C 57 30.62 -15.62 -11.67
C PRO C 57 30.22 -15.96 -10.25
N VAL C 58 29.28 -15.18 -9.73
CA VAL C 58 28.73 -15.45 -8.41
C VAL C 58 27.85 -16.70 -8.45
N GLY C 59 27.18 -16.93 -9.58
CA GLY C 59 26.35 -18.10 -9.73
C GLY C 59 25.00 -17.92 -9.10
N ARG C 60 24.34 -19.04 -8.83
CA ARG C 60 22.99 -19.03 -8.29
C ARG C 60 23.00 -18.60 -6.83
N ILE C 61 22.53 -17.39 -6.57
CA ILE C 61 22.36 -16.91 -5.21
C ILE C 61 20.87 -16.75 -4.94
N GLN C 62 20.47 -17.08 -3.73
CA GLN C 62 19.07 -17.03 -3.34
C GLN C 62 18.87 -15.91 -2.31
N MET C 63 17.90 -15.05 -2.58
CA MET C 63 17.49 -14.03 -1.64
C MET C 63 16.05 -14.31 -1.28
N ARG C 64 15.78 -14.39 0.01
CA ARG C 64 14.47 -14.78 0.48
C ARG C 64 13.72 -13.58 1.01
N THR C 65 12.41 -13.69 1.03
CA THR C 65 11.57 -12.63 1.55
C THR C 65 11.71 -12.63 3.06
N ARG C 66 12.59 -11.78 3.57
CA ARG C 66 12.75 -11.70 5.02
C ARG C 66 11.59 -10.97 5.68
N ARG C 67 11.05 -9.96 5.01
CA ARG C 67 9.95 -9.20 5.55
C ARG C 67 8.93 -8.97 4.45
N THR C 68 7.66 -8.83 4.83
CA THR C 68 6.61 -8.48 3.89
C THR C 68 5.81 -7.34 4.50
N LEU C 69 5.73 -6.24 3.80
CA LEU C 69 5.29 -4.98 4.38
C LEU C 69 3.94 -4.64 3.75
N ARG C 70 2.86 -5.00 4.40
CA ARG C 70 1.54 -4.81 3.85
C ARG C 70 0.84 -3.66 4.57
N GLY C 71 -0.11 -3.05 3.87
CA GLY C 71 -0.78 -1.89 4.41
C GLY C 71 -1.08 -0.90 3.31
N HIS C 72 -0.56 -1.19 2.13
CA HIS C 72 -0.86 -0.42 0.94
C HIS C 72 -1.96 -1.14 0.17
N LEU C 73 -2.91 -0.37 -0.36
CA LEU C 73 -4.11 -0.93 -0.96
C LEU C 73 -4.18 -0.80 -2.47
N ALA C 74 -3.84 0.36 -3.01
CA ALA C 74 -3.65 0.52 -4.44
C ALA C 74 -2.16 0.42 -4.75
N LYS C 75 -1.81 0.58 -6.02
CA LYS C 75 -0.51 0.14 -6.54
C LYS C 75 0.64 1.01 -6.05
N ILE C 76 1.77 0.36 -5.74
CA ILE C 76 3.01 1.04 -5.39
C ILE C 76 3.61 1.62 -6.65
N TYR C 77 4.04 2.88 -6.60
CA TYR C 77 4.81 3.45 -7.69
C TYR C 77 6.24 3.81 -7.35
N ALA C 78 6.56 4.10 -6.09
CA ALA C 78 7.95 4.35 -5.75
C ALA C 78 8.26 3.93 -4.33
N MET C 79 9.55 4.00 -4.01
CA MET C 79 10.14 3.59 -2.75
C MET C 79 11.50 4.27 -2.67
N HIS C 80 11.94 4.59 -1.46
CA HIS C 80 13.30 5.08 -1.28
C HIS C 80 13.81 4.72 0.11
N TRP C 81 14.94 4.01 0.17
CA TRP C 81 15.57 3.60 1.42
C TRP C 81 16.22 4.75 2.17
N GLY C 82 16.31 4.60 3.47
CA GLY C 82 17.03 5.55 4.30
C GLY C 82 18.52 5.41 4.21
N THR C 83 19.21 6.40 4.77
CA THR C 83 20.66 6.33 4.87
C THR C 83 21.16 5.71 6.17
N ASP C 84 20.26 5.49 7.13
CA ASP C 84 20.59 4.61 8.24
C ASP C 84 20.24 3.18 7.93
N SER C 85 19.73 2.92 6.72
CA SER C 85 19.50 1.62 6.10
C SER C 85 18.45 0.78 6.79
N ARG C 86 17.63 1.39 7.64
CA ARG C 86 16.58 0.72 8.36
C ARG C 86 15.20 1.22 7.96
N LEU C 87 15.06 2.52 7.81
CA LEU C 87 13.80 3.10 7.39
C LEU C 87 13.68 3.09 5.88
N LEU C 88 12.44 3.11 5.39
CA LEU C 88 12.16 3.32 3.99
C LEU C 88 10.79 3.97 3.87
N VAL C 89 10.56 4.61 2.73
CA VAL C 89 9.31 5.29 2.43
C VAL C 89 8.74 4.61 1.19
N SER C 90 7.41 4.68 1.03
CA SER C 90 6.80 4.14 -0.18
C SER C 90 5.56 4.95 -0.49
N ALA C 91 5.39 5.26 -1.77
CA ALA C 91 4.28 6.06 -2.28
C ALA C 91 3.33 5.18 -3.04
N SER C 92 2.05 5.49 -3.01
CA SER C 92 1.11 4.66 -3.74
C SER C 92 -0.04 5.48 -4.31
N GLN C 93 -0.78 4.80 -5.19
CA GLN C 93 -1.92 5.33 -5.92
C GLN C 93 -3.09 5.65 -5.03
N ASP C 94 -3.14 5.13 -3.80
CA ASP C 94 -4.23 5.42 -2.88
C ASP C 94 -4.00 6.66 -2.03
N GLY C 95 -3.08 7.54 -2.45
CA GLY C 95 -2.88 8.80 -1.76
C GLY C 95 -2.14 8.66 -0.46
N LYS C 96 -1.30 7.64 -0.33
CA LYS C 96 -0.64 7.32 0.91
C LYS C 96 0.85 7.26 0.70
N LEU C 97 1.59 7.98 1.54
CA LEU C 97 3.02 7.85 1.69
C LEU C 97 3.26 7.26 3.07
N ILE C 98 3.93 6.12 3.13
CA ILE C 98 4.09 5.34 4.35
C ILE C 98 5.57 5.19 4.62
N ILE C 99 6.00 5.58 5.82
CA ILE C 99 7.38 5.34 6.25
C ILE C 99 7.39 4.09 7.12
N TRP C 100 8.18 3.10 6.75
CA TRP C 100 8.26 1.88 7.52
C TRP C 100 9.55 1.83 8.31
N ASP C 101 9.49 1.16 9.44
CA ASP C 101 10.64 0.47 10.02
C ASP C 101 10.71 -0.86 9.31
N SER C 102 11.78 -1.11 8.55
CA SER C 102 11.83 -2.36 7.84
C SER C 102 12.26 -3.53 8.71
N TYR C 103 12.75 -3.27 9.92
CA TYR C 103 13.21 -4.34 10.77
C TYR C 103 12.04 -5.06 11.40
N THR C 104 11.23 -4.33 12.16
CA THR C 104 10.13 -4.88 12.90
C THR C 104 8.80 -4.82 12.17
N THR C 105 8.83 -4.60 10.84
CA THR C 105 7.68 -4.28 9.96
C THR C 105 6.83 -3.12 10.45
N ASN C 106 7.37 -2.19 11.23
CA ASN C 106 6.53 -1.21 11.87
C ASN C 106 6.33 -0.02 10.96
N LYS C 107 5.08 0.39 10.80
CA LYS C 107 4.81 1.62 10.08
C LYS C 107 5.12 2.79 11.00
N VAL C 108 5.99 3.68 10.54
CA VAL C 108 6.44 4.77 11.40
C VAL C 108 5.54 5.99 11.23
N HIS C 109 5.31 6.40 9.99
CA HIS C 109 4.34 7.44 9.66
C HIS C 109 3.52 6.98 8.47
N ALA C 110 2.32 7.56 8.34
CA ALA C 110 1.50 7.44 7.15
C ALA C 110 1.01 8.82 6.76
N ILE C 111 1.45 9.30 5.60
CA ILE C 111 1.22 10.67 5.16
C ILE C 111 0.10 10.68 4.14
N PRO C 112 -1.00 11.40 4.37
CA PRO C 112 -2.05 11.52 3.36
C PRO C 112 -1.68 12.58 2.32
N LEU C 113 -1.71 12.19 1.05
CA LEU C 113 -1.30 13.08 -0.02
C LEU C 113 -2.48 13.90 -0.50
N ARG C 114 -2.18 15.09 -1.02
CA ARG C 114 -3.22 15.88 -1.65
C ARG C 114 -3.53 15.40 -3.05
N SER C 115 -2.58 14.72 -3.70
CA SER C 115 -2.81 14.11 -5.00
C SER C 115 -2.63 12.60 -4.88
N SER C 116 -3.67 11.85 -5.23
CA SER C 116 -3.61 10.40 -5.25
C SER C 116 -2.72 9.86 -6.37
N TRP C 117 -2.44 10.66 -7.38
CA TRP C 117 -1.64 10.25 -8.53
C TRP C 117 -0.22 10.70 -8.29
N VAL C 118 0.59 9.81 -7.70
CA VAL C 118 2.00 10.09 -7.43
C VAL C 118 2.85 9.02 -8.10
N MET C 119 3.93 9.46 -8.72
CA MET C 119 4.73 8.58 -9.54
C MET C 119 6.15 8.47 -9.02
N THR C 120 6.49 9.21 -7.97
CA THR C 120 7.83 9.17 -7.42
C THR C 120 7.83 9.55 -5.96
N CYS C 121 8.90 9.15 -5.27
CA CYS C 121 9.16 9.54 -3.89
C CYS C 121 10.65 9.44 -3.62
N ALA C 122 11.09 10.21 -2.63
CA ALA C 122 12.46 10.18 -2.15
C ALA C 122 12.48 10.37 -0.65
N TYR C 123 13.59 9.96 -0.03
CA TYR C 123 13.77 10.08 1.40
C TYR C 123 15.06 10.87 1.53
N ALA C 124 15.11 11.85 2.42
CA ALA C 124 16.26 12.76 2.49
C ALA C 124 17.51 12.04 3.00
N PRO C 125 18.71 12.48 2.60
CA PRO C 125 19.93 11.83 3.12
C PRO C 125 20.16 12.08 4.59
N SER C 126 19.69 13.21 5.11
CA SER C 126 19.70 13.43 6.54
C SER C 126 18.58 12.70 7.26
N GLY C 127 17.60 12.20 6.53
CA GLY C 127 16.44 11.57 7.11
C GLY C 127 15.38 12.53 7.61
N ASN C 128 15.58 13.82 7.43
CA ASN C 128 14.62 14.80 7.92
C ASN C 128 13.38 14.91 7.06
N TYR C 129 13.47 14.57 5.77
CA TYR C 129 12.44 14.93 4.81
C TYR C 129 12.06 13.76 3.91
N VAL C 130 10.83 13.81 3.39
CA VAL C 130 10.48 13.04 2.21
C VAL C 130 9.89 13.97 1.16
N ALA C 131 10.09 13.60 -0.09
CA ALA C 131 9.45 14.22 -1.23
C ALA C 131 8.52 13.23 -1.90
N CYS C 132 7.50 13.74 -2.57
CA CYS C 132 6.71 12.97 -3.51
C CYS C 132 6.13 13.92 -4.54
N GLY C 133 5.84 13.38 -5.72
CA GLY C 133 5.29 14.21 -6.79
C GLY C 133 4.69 13.36 -7.87
N GLY C 134 3.65 13.90 -8.50
CA GLY C 134 2.98 13.15 -9.54
C GLY C 134 2.36 13.93 -10.68
N LEU C 135 1.08 13.65 -10.89
CA LEU C 135 0.31 14.18 -12.01
C LEU C 135 -0.29 15.55 -11.73
N ASP C 136 -0.07 16.13 -10.56
CA ASP C 136 -0.45 17.51 -10.32
C ASP C 136 0.71 18.46 -10.50
N ASN C 137 1.81 17.97 -11.07
CA ASN C 137 3.02 18.67 -11.49
C ASN C 137 3.77 19.33 -10.35
N ILE C 138 3.63 18.83 -9.12
CA ILE C 138 4.23 19.45 -7.94
C ILE C 138 4.99 18.40 -7.16
N CYS C 139 6.29 18.63 -6.90
CA CYS C 139 7.05 17.84 -5.93
C CYS C 139 6.89 18.50 -4.58
N SER C 140 6.08 17.90 -3.71
CA SER C 140 5.86 18.42 -2.37
C SER C 140 6.96 17.94 -1.46
N ILE C 141 7.33 18.76 -0.48
CA ILE C 141 8.38 18.41 0.47
C ILE C 141 7.74 18.33 1.85
N TYR C 142 7.94 17.19 2.50
CA TYR C 142 7.33 16.86 3.79
C TYR C 142 8.40 16.83 4.87
N ASN C 143 8.08 17.41 6.03
CA ASN C 143 9.02 17.52 7.14
C ASN C 143 8.70 16.42 8.15
N LEU C 144 9.56 15.40 8.21
CA LEU C 144 9.30 14.25 9.08
C LEU C 144 9.57 14.55 10.54
N LYS C 145 10.67 15.23 10.84
CA LYS C 145 11.00 15.59 12.21
C LYS C 145 10.30 16.90 12.53
N THR C 146 9.18 16.81 13.21
CA THR C 146 8.34 17.95 13.44
C THR C 146 8.11 18.08 14.94
N ARG C 147 8.15 19.31 15.42
CA ARG C 147 7.99 19.61 16.85
C ARG C 147 6.54 19.40 17.30
N GLU C 148 5.58 19.42 16.37
CA GLU C 148 4.20 19.08 16.67
C GLU C 148 3.87 17.60 16.46
N GLY C 149 4.77 16.82 15.91
CA GLY C 149 4.61 15.38 15.84
C GLY C 149 4.12 14.83 14.53
N ASN C 150 3.17 15.49 13.87
CA ASN C 150 2.64 15.02 12.60
C ASN C 150 3.48 15.56 11.44
N VAL C 151 3.46 14.83 10.33
CA VAL C 151 4.19 15.25 9.15
C VAL C 151 3.41 16.36 8.45
N ARG C 152 4.04 17.52 8.26
CA ARG C 152 3.46 18.64 7.55
C ARG C 152 4.15 18.80 6.20
N VAL C 153 3.54 19.61 5.34
CA VAL C 153 4.12 19.97 4.05
C VAL C 153 5.02 21.17 4.30
N SER C 154 6.31 21.04 4.00
CA SER C 154 7.18 22.20 4.21
C SER C 154 7.10 23.17 3.04
N ARG C 155 7.57 22.75 1.87
CA ARG C 155 7.54 23.59 0.68
C ARG C 155 6.97 22.81 -0.48
N GLU C 156 6.05 23.42 -1.20
CA GLU C 156 5.25 22.74 -2.22
C GLU C 156 5.64 23.34 -3.57
N LEU C 157 6.51 22.65 -4.29
CA LEU C 157 7.27 23.22 -5.41
C LEU C 157 6.50 23.07 -6.72
N ALA C 158 5.85 24.14 -7.15
CA ALA C 158 5.06 24.15 -8.39
C ALA C 158 5.79 24.97 -9.43
N GLY C 159 6.48 24.31 -10.35
CA GLY C 159 7.09 25.00 -11.46
C GLY C 159 7.05 24.28 -12.79
N HIS C 160 6.57 23.05 -12.82
CA HIS C 160 6.56 22.29 -14.05
C HIS C 160 5.19 22.34 -14.70
N THR C 161 5.18 22.12 -16.00
CA THR C 161 3.96 22.06 -16.79
C THR C 161 3.57 20.63 -17.15
N GLY C 162 4.47 19.67 -16.98
CA GLY C 162 4.14 18.27 -17.14
C GLY C 162 4.23 17.54 -15.83
N TYR C 163 3.68 16.33 -15.79
CA TYR C 163 3.81 15.39 -14.68
C TYR C 163 5.25 15.08 -14.32
N LEU C 164 5.44 14.66 -13.08
CA LEU C 164 6.74 14.51 -12.45
C LEU C 164 7.10 13.05 -12.31
N SER C 165 8.27 12.68 -12.78
CA SER C 165 8.60 11.28 -12.84
C SER C 165 9.67 10.86 -11.86
N CYS C 166 10.49 11.79 -11.38
CA CYS C 166 11.45 11.52 -10.32
C CYS C 166 11.76 12.84 -9.64
N CYS C 167 11.88 12.83 -8.32
CA CYS C 167 12.48 13.97 -7.62
C CYS C 167 13.26 13.48 -6.42
N ARG C 168 14.57 13.77 -6.38
CA ARG C 168 15.57 13.20 -5.48
C ARG C 168 16.33 14.29 -4.74
N PHE C 169 16.47 14.17 -3.43
CA PHE C 169 17.16 15.17 -2.61
C PHE C 169 18.67 15.14 -2.79
N LEU C 170 19.28 16.32 -2.90
CA LEU C 170 20.73 16.46 -2.81
C LEU C 170 21.17 16.73 -1.37
N ASP C 171 20.63 17.79 -0.78
CA ASP C 171 20.88 18.16 0.61
C ASP C 171 19.50 18.20 1.24
N ASP C 172 19.39 18.84 2.40
CA ASP C 172 18.10 19.24 2.93
C ASP C 172 17.53 20.48 2.25
N ASN C 173 18.30 21.12 1.37
CA ASN C 173 17.90 22.35 0.73
C ASN C 173 17.90 22.30 -0.79
N GLN C 174 18.41 21.24 -1.40
CA GLN C 174 18.46 21.16 -2.85
C GLN C 174 17.87 19.85 -3.30
N ILE C 175 16.95 19.92 -4.25
CA ILE C 175 16.31 18.76 -4.84
C ILE C 175 16.27 18.92 -6.36
N VAL C 176 16.69 17.91 -7.08
CA VAL C 176 16.53 17.89 -8.53
C VAL C 176 15.27 17.11 -8.86
N THR C 177 14.58 17.53 -9.91
CA THR C 177 13.24 17.03 -10.20
C THR C 177 13.12 16.79 -11.70
N SER C 178 13.08 15.53 -12.10
CA SER C 178 12.66 15.17 -13.43
C SER C 178 11.18 15.43 -13.63
N SER C 179 10.80 15.62 -14.89
CA SER C 179 9.39 15.82 -15.20
C SER C 179 9.08 15.39 -16.63
N GLY C 180 7.79 15.31 -16.92
CA GLY C 180 7.31 14.98 -18.24
C GLY C 180 6.97 16.21 -19.03
N ASP C 181 7.85 17.20 -19.01
CA ASP C 181 7.80 18.33 -19.91
C ASP C 181 9.20 18.71 -20.36
N THR C 182 10.02 17.69 -20.61
CA THR C 182 11.40 17.71 -21.11
C THR C 182 12.36 18.46 -20.18
N THR C 183 12.03 18.66 -18.92
CA THR C 183 12.73 19.62 -18.09
C THR C 183 13.06 19.01 -16.75
N CYS C 184 14.35 18.85 -16.48
CA CYS C 184 14.86 18.61 -15.14
C CYS C 184 15.14 19.96 -14.50
N ALA C 185 15.13 19.98 -13.17
CA ALA C 185 15.04 21.26 -12.48
C ALA C 185 15.64 21.16 -11.11
N LEU C 186 16.63 22.00 -10.81
CA LEU C 186 17.24 22.07 -9.50
C LEU C 186 16.57 23.15 -8.69
N TRP C 187 16.16 22.84 -7.47
CA TRP C 187 15.35 23.73 -6.67
C TRP C 187 16.11 24.19 -5.44
N ASP C 188 15.52 25.13 -4.73
CA ASP C 188 15.96 25.56 -3.41
C ASP C 188 14.73 25.69 -2.55
N ILE C 189 14.73 25.02 -1.40
CA ILE C 189 13.50 24.68 -0.72
C ILE C 189 13.06 25.76 0.29
N GLU C 190 13.95 26.69 0.67
CA GLU C 190 13.43 27.88 1.36
C GLU C 190 12.67 28.79 0.41
N THR C 191 13.26 29.09 -0.74
CA THR C 191 12.64 30.01 -1.68
C THR C 191 11.47 29.35 -2.40
N GLY C 192 11.63 28.10 -2.79
CA GLY C 192 10.65 27.42 -3.59
C GLY C 192 10.85 27.57 -5.07
N GLN C 193 11.81 28.38 -5.49
CA GLN C 193 12.01 28.69 -6.89
C GLN C 193 13.14 27.84 -7.43
N GLN C 194 12.95 27.35 -8.65
CA GLN C 194 13.97 26.56 -9.31
C GLN C 194 15.15 27.45 -9.69
N THR C 195 16.34 27.01 -9.34
CA THR C 195 17.53 27.83 -9.54
C THR C 195 18.30 27.46 -10.78
N THR C 196 18.14 26.24 -11.26
CA THR C 196 18.72 25.84 -12.53
C THR C 196 17.70 24.97 -13.24
N THR C 197 17.34 25.35 -14.45
CA THR C 197 16.40 24.60 -15.26
C THR C 197 17.22 23.87 -16.32
N PHE C 198 17.12 22.56 -16.33
CA PHE C 198 17.89 21.73 -17.24
C PHE C 198 16.99 21.41 -18.42
N THR C 199 17.33 21.94 -19.58
CA THR C 199 16.58 21.72 -20.80
C THR C 199 17.46 21.01 -21.81
N GLY C 200 16.83 20.37 -22.78
CA GLY C 200 17.59 19.74 -23.83
C GLY C 200 17.01 18.42 -24.27
N HIS C 201 16.15 17.84 -23.44
CA HIS C 201 15.49 16.60 -23.80
C HIS C 201 14.38 16.89 -24.81
N THR C 202 14.07 15.88 -25.62
CA THR C 202 13.07 16.06 -26.66
C THR C 202 11.69 15.61 -26.18
N GLY C 203 11.60 14.54 -25.40
CA GLY C 203 10.34 14.21 -24.79
C GLY C 203 10.37 13.57 -23.41
N ASP C 204 9.78 14.25 -22.41
CA ASP C 204 9.15 13.64 -21.23
C ASP C 204 10.08 12.81 -20.33
N VAL C 205 10.89 13.48 -19.50
CA VAL C 205 12.01 12.86 -18.81
C VAL C 205 11.50 11.95 -17.69
N MET C 206 11.99 10.71 -17.67
CA MET C 206 11.42 9.65 -16.82
C MET C 206 12.15 9.39 -15.52
N SER C 207 13.41 9.75 -15.39
CA SER C 207 14.19 9.25 -14.28
C SER C 207 15.33 10.20 -13.96
N LEU C 208 16.10 9.83 -12.95
CA LEU C 208 17.05 10.69 -12.28
C LEU C 208 17.87 9.83 -11.35
N SER C 209 19.18 10.04 -11.31
CA SER C 209 20.00 9.34 -10.34
C SER C 209 21.22 10.18 -10.02
N LEU C 210 21.39 10.53 -8.75
CA LEU C 210 22.47 11.39 -8.34
C LEU C 210 23.79 10.66 -8.22
N ALA C 211 24.85 11.43 -8.29
CA ALA C 211 26.17 10.93 -8.01
C ALA C 211 26.40 10.88 -6.50
N PRO C 212 27.32 10.03 -6.03
CA PRO C 212 27.64 10.03 -4.60
C PRO C 212 28.30 11.29 -4.10
N ASP C 213 29.07 12.00 -4.92
CA ASP C 213 29.59 13.30 -4.52
C ASP C 213 28.62 14.43 -4.80
N THR C 214 27.48 14.14 -5.45
CA THR C 214 26.36 15.05 -5.73
C THR C 214 26.78 16.28 -6.52
N ARG C 215 27.70 16.10 -7.47
CA ARG C 215 28.07 17.15 -8.41
C ARG C 215 27.49 16.90 -9.80
N LEU C 216 26.90 15.74 -10.03
CA LEU C 216 26.43 15.33 -11.34
C LEU C 216 25.16 14.53 -11.15
N PHE C 217 24.29 14.53 -12.16
CA PHE C 217 23.22 13.54 -12.20
C PHE C 217 22.95 13.15 -13.63
N VAL C 218 22.25 12.03 -13.78
CA VAL C 218 21.82 11.54 -15.08
C VAL C 218 20.30 11.60 -15.12
N SER C 219 19.75 11.51 -16.33
CA SER C 219 18.30 11.49 -16.53
C SER C 219 18.01 10.84 -17.87
N GLY C 220 16.84 10.21 -17.98
CA GLY C 220 16.45 9.53 -19.20
C GLY C 220 15.02 9.88 -19.57
N ALA C 221 14.69 9.70 -20.85
CA ALA C 221 13.48 10.27 -21.40
C ALA C 221 12.94 9.41 -22.54
N CYS C 222 11.81 9.84 -23.12
CA CYS C 222 11.16 9.13 -24.22
C CYS C 222 11.90 9.21 -25.55
N ASP C 223 12.89 10.07 -25.68
CA ASP C 223 13.66 10.16 -26.91
C ASP C 223 14.84 9.20 -26.94
N ALA C 224 14.85 8.21 -26.03
CA ALA C 224 15.86 7.15 -25.89
C ALA C 224 17.25 7.71 -25.65
N SER C 225 17.33 8.86 -24.99
CA SER C 225 18.60 9.53 -24.74
C SER C 225 18.79 9.67 -23.25
N ALA C 226 19.98 9.32 -22.77
CA ALA C 226 20.37 9.52 -21.40
C ALA C 226 21.40 10.63 -21.37
N LYS C 227 21.18 11.64 -20.54
CA LYS C 227 22.02 12.81 -20.52
C LYS C 227 22.62 13.01 -19.14
N LEU C 228 23.94 13.21 -19.09
CA LEU C 228 24.63 13.60 -17.88
C LEU C 228 24.56 15.10 -17.70
N TRP C 229 24.14 15.54 -16.53
CA TRP C 229 24.01 16.94 -16.22
C TRP C 229 24.99 17.35 -15.14
N ASP C 230 25.27 18.64 -15.08
CA ASP C 230 26.12 19.24 -14.05
C ASP C 230 25.22 20.08 -13.16
N VAL C 231 25.32 19.88 -11.85
CA VAL C 231 24.36 20.49 -10.95
C VAL C 231 24.67 21.96 -10.72
N ARG C 232 25.95 22.27 -10.48
CA ARG C 232 26.34 23.61 -10.02
C ARG C 232 26.26 24.64 -11.13
N GLU C 233 26.76 24.30 -12.32
CA GLU C 233 26.82 25.28 -13.40
C GLU C 233 25.66 25.17 -14.37
N GLY C 234 25.21 23.98 -14.72
CA GLY C 234 23.88 23.78 -15.21
C GLY C 234 23.66 23.41 -16.66
N MET C 235 24.67 22.89 -17.34
CA MET C 235 24.47 22.47 -18.72
C MET C 235 24.75 20.98 -18.88
N CYS C 236 24.18 20.43 -19.94
CA CYS C 236 24.29 19.01 -20.27
C CYS C 236 25.72 18.69 -20.65
N ARG C 237 26.42 17.97 -19.76
CA ARG C 237 27.82 17.65 -20.02
C ARG C 237 27.96 16.56 -21.07
N GLN C 238 27.15 15.52 -21.01
CA GLN C 238 27.25 14.40 -21.94
C GLN C 238 25.86 13.89 -22.29
N THR C 239 25.77 13.14 -23.39
CA THR C 239 24.52 12.59 -23.87
C THR C 239 24.78 11.18 -24.40
N PHE C 240 23.93 10.23 -24.01
CA PHE C 240 24.09 8.83 -24.36
C PHE C 240 22.83 8.36 -25.09
N THR C 241 22.99 7.93 -26.33
CA THR C 241 21.87 7.44 -27.14
C THR C 241 22.17 6.00 -27.50
N GLY C 242 21.66 5.07 -26.69
CA GLY C 242 21.87 3.67 -27.01
C GLY C 242 20.58 2.88 -27.07
N HIS C 243 19.54 3.34 -26.41
CA HIS C 243 18.30 2.59 -26.37
C HIS C 243 17.42 2.86 -27.59
N GLU C 244 16.36 2.07 -27.68
CA GLU C 244 15.45 2.10 -28.82
C GLU C 244 14.03 2.49 -28.46
N SER C 245 13.72 2.58 -27.17
CA SER C 245 12.40 3.03 -26.76
C SER C 245 12.52 3.97 -25.58
N ASP C 246 11.39 4.27 -24.94
CA ASP C 246 11.39 4.98 -23.66
C ASP C 246 12.22 4.35 -22.58
N ILE C 247 13.22 5.10 -22.12
CA ILE C 247 13.94 4.79 -20.90
C ILE C 247 13.00 5.04 -19.73
N ASN C 248 12.86 4.06 -18.84
CA ASN C 248 11.96 4.16 -17.69
C ASN C 248 12.66 4.54 -16.40
N ALA C 249 13.71 3.83 -16.02
CA ALA C 249 14.41 4.20 -14.81
C ALA C 249 15.91 3.97 -14.96
N ILE C 250 16.64 4.72 -14.15
CA ILE C 250 18.09 4.88 -14.28
C ILE C 250 18.68 4.69 -12.91
N CYS C 251 19.93 4.23 -12.86
CA CYS C 251 20.62 4.09 -11.58
C CYS C 251 22.08 4.38 -11.81
N PHE C 252 22.76 4.83 -10.76
CA PHE C 252 24.06 5.43 -10.96
C PHE C 252 25.01 4.56 -10.14
N PHE C 253 26.10 4.10 -10.74
CA PHE C 253 27.04 3.14 -10.12
C PHE C 253 27.74 3.78 -8.92
N PRO C 254 28.10 2.98 -7.89
CA PRO C 254 28.67 3.58 -6.66
C PRO C 254 30.06 4.18 -6.81
N ASN C 255 30.81 3.84 -7.86
CA ASN C 255 32.15 4.41 -8.02
C ASN C 255 32.12 5.85 -8.45
N GLY C 256 31.00 6.31 -9.03
CA GLY C 256 30.91 7.62 -9.60
C GLY C 256 31.13 7.67 -11.09
N ASN C 257 31.70 6.63 -11.67
CA ASN C 257 32.20 6.67 -13.04
C ASN C 257 31.28 6.02 -14.05
N ALA C 258 30.19 5.40 -13.60
CA ALA C 258 29.29 4.69 -14.50
C ALA C 258 27.86 4.90 -14.04
N PHE C 259 26.93 4.46 -14.88
CA PHE C 259 25.51 4.41 -14.56
C PHE C 259 24.84 3.40 -15.47
N ALA C 260 23.74 2.85 -15.00
CA ALA C 260 22.99 1.86 -15.75
C ALA C 260 21.52 2.23 -15.75
N THR C 261 20.89 2.05 -16.89
CA THR C 261 19.56 2.56 -17.16
C THR C 261 18.67 1.42 -17.60
N GLY C 262 17.38 1.72 -17.78
CA GLY C 262 16.41 0.68 -18.10
C GLY C 262 15.20 1.18 -18.85
N SER C 263 14.79 0.46 -19.90
CA SER C 263 13.86 0.99 -20.88
C SER C 263 12.73 0.01 -21.19
N ASP C 264 11.77 0.47 -22.01
CA ASP C 264 10.61 -0.35 -22.36
C ASP C 264 10.88 -1.45 -23.37
N ASP C 265 12.08 -1.54 -23.95
CA ASP C 265 12.33 -2.63 -24.88
C ASP C 265 13.09 -3.78 -24.22
N ALA C 266 12.82 -4.01 -22.92
CA ALA C 266 13.29 -5.14 -22.11
C ALA C 266 14.81 -5.23 -22.03
N THR C 267 15.47 -4.08 -22.11
CA THR C 267 16.92 -4.03 -22.19
C THR C 267 17.41 -3.03 -21.15
N CYS C 268 18.45 -3.39 -20.43
CA CYS C 268 19.19 -2.47 -19.58
C CYS C 268 20.59 -2.29 -20.16
N ARG C 269 21.12 -1.10 -20.04
CA ARG C 269 22.42 -0.79 -20.62
C ARG C 269 23.28 -0.13 -19.57
N LEU C 270 24.54 -0.56 -19.49
CA LEU C 270 25.52 0.05 -18.59
C LEU C 270 26.37 1.01 -19.39
N PHE C 271 26.15 2.29 -19.21
CA PHE C 271 26.96 3.31 -19.86
C PHE C 271 28.07 3.73 -18.91
N ASP C 272 28.81 4.77 -19.28
CA ASP C 272 30.00 5.14 -18.53
C ASP C 272 30.24 6.61 -18.80
N LEU C 273 30.60 7.36 -17.74
CA LEU C 273 30.68 8.80 -17.89
C LEU C 273 31.99 9.25 -18.51
N ARG C 274 33.11 8.71 -18.03
CA ARG C 274 34.39 9.21 -18.47
C ARG C 274 34.82 8.67 -19.83
N ALA C 275 34.13 7.65 -20.33
CA ALA C 275 34.43 7.12 -21.66
C ALA C 275 33.34 7.42 -22.68
N ASP C 276 32.16 7.88 -22.22
CA ASP C 276 31.07 8.45 -23.05
C ASP C 276 30.53 7.45 -24.07
N GLN C 277 30.13 6.27 -23.59
CA GLN C 277 29.79 5.18 -24.50
C GLN C 277 28.96 4.15 -23.76
N GLU C 278 28.75 3.00 -24.42
CA GLU C 278 28.07 1.85 -23.87
C GLU C 278 29.08 0.77 -23.50
N LEU C 279 28.87 0.13 -22.36
CA LEU C 279 29.70 -1.00 -21.96
C LEU C 279 28.99 -2.34 -22.06
N MET C 280 27.85 -2.49 -21.40
CA MET C 280 27.18 -3.78 -21.31
C MET C 280 25.71 -3.66 -21.66
N THR C 281 25.18 -4.71 -22.27
CA THR C 281 23.76 -4.83 -22.58
C THR C 281 23.19 -5.98 -21.75
N TYR C 282 22.10 -5.69 -21.04
CA TYR C 282 21.55 -6.58 -20.02
C TYR C 282 20.17 -7.11 -20.41
N SER C 283 20.04 -7.59 -21.63
CA SER C 283 18.79 -8.16 -22.10
C SER C 283 18.85 -9.68 -22.11
N HIS C 284 17.67 -10.29 -22.09
CA HIS C 284 17.50 -11.71 -22.34
C HIS C 284 16.28 -11.90 -23.22
N ASP C 285 16.34 -12.92 -24.08
CA ASP C 285 15.29 -13.17 -25.07
C ASP C 285 13.99 -13.66 -24.44
N ASN C 286 14.02 -14.18 -23.21
CA ASN C 286 12.82 -14.60 -22.50
C ASN C 286 12.04 -13.42 -21.92
N ILE C 287 12.57 -12.22 -22.00
CA ILE C 287 11.93 -11.04 -21.46
C ILE C 287 11.44 -10.21 -22.63
N ILE C 288 10.13 -10.07 -22.76
CA ILE C 288 9.50 -9.31 -23.82
C ILE C 288 9.06 -7.94 -23.38
N CYS C 289 9.20 -7.63 -22.11
CA CYS C 289 8.51 -6.51 -21.50
C CYS C 289 9.47 -5.68 -20.67
N GLY C 290 9.14 -4.39 -20.53
CA GLY C 290 10.12 -3.40 -20.12
C GLY C 290 10.47 -3.42 -18.65
N ILE C 291 11.41 -2.56 -18.30
CA ILE C 291 11.94 -2.39 -16.95
C ILE C 291 11.16 -1.26 -16.32
N THR C 292 10.87 -1.34 -15.03
CA THR C 292 10.37 -0.18 -14.33
C THR C 292 11.34 0.42 -13.32
N SER C 293 12.32 -0.34 -12.84
CA SER C 293 13.32 0.20 -11.92
C SER C 293 14.61 -0.59 -11.97
N VAL C 294 15.71 0.11 -11.73
CA VAL C 294 17.03 -0.48 -11.54
C VAL C 294 17.65 0.09 -10.27
N SER C 295 18.51 -0.72 -9.64
CA SER C 295 19.40 -0.29 -8.58
C SER C 295 20.58 -1.24 -8.49
N PHE C 296 21.65 -0.75 -7.91
CA PHE C 296 22.94 -1.44 -7.83
C PHE C 296 23.22 -1.87 -6.41
N SER C 297 24.00 -2.93 -6.26
CA SER C 297 24.43 -3.42 -4.96
C SER C 297 25.53 -2.52 -4.37
N LYS C 298 25.97 -2.87 -3.15
CA LYS C 298 26.96 -2.08 -2.42
C LYS C 298 28.32 -2.10 -3.10
N SER C 299 28.77 -3.28 -3.51
CA SER C 299 29.97 -3.35 -4.32
C SER C 299 29.70 -2.92 -5.75
N GLY C 300 28.44 -3.01 -6.19
CA GLY C 300 28.13 -2.85 -7.58
C GLY C 300 28.32 -4.11 -8.40
N ARG C 301 28.39 -5.26 -7.76
CA ARG C 301 28.48 -6.53 -8.47
C ARG C 301 27.12 -7.04 -8.92
N LEU C 302 26.07 -6.76 -8.16
CA LEU C 302 24.73 -7.08 -8.61
C LEU C 302 24.09 -5.84 -9.20
N LEU C 303 23.54 -5.96 -10.40
CA LEU C 303 22.52 -5.04 -10.87
C LEU C 303 21.18 -5.72 -10.72
N LEU C 304 20.21 -4.99 -10.20
CA LEU C 304 18.92 -5.55 -9.84
C LEU C 304 17.88 -4.79 -10.63
N ALA C 305 17.14 -5.47 -11.49
CA ALA C 305 16.19 -4.79 -12.36
C ALA C 305 14.78 -5.28 -12.10
N GLY C 306 13.87 -4.36 -11.84
CA GLY C 306 12.47 -4.71 -11.84
C GLY C 306 11.96 -4.92 -13.24
N TYR C 307 10.80 -5.56 -13.38
CA TYR C 307 10.33 -5.89 -14.71
C TYR C 307 8.81 -5.83 -14.77
N ASP C 308 8.27 -6.16 -15.94
CA ASP C 308 6.84 -6.14 -16.15
C ASP C 308 6.23 -7.54 -16.18
N ASP C 309 7.06 -8.60 -16.24
CA ASP C 309 6.56 -9.97 -16.12
C ASP C 309 6.55 -10.45 -14.68
N PHE C 310 6.41 -9.50 -13.75
CA PHE C 310 5.97 -9.56 -12.36
C PHE C 310 7.12 -9.93 -11.42
N ASN C 311 8.34 -10.11 -11.91
CA ASN C 311 9.45 -10.51 -11.06
C ASN C 311 10.67 -9.66 -11.33
N CYS C 312 11.47 -9.46 -10.30
CA CYS C 312 12.77 -8.82 -10.45
C CYS C 312 13.78 -9.84 -10.91
N ASN C 313 14.71 -9.40 -11.73
CA ASN C 313 15.86 -10.23 -12.07
C ASN C 313 17.07 -9.70 -11.33
N VAL C 314 18.09 -10.53 -11.16
CA VAL C 314 19.33 -10.02 -10.63
C VAL C 314 20.31 -10.20 -11.77
N TRP C 315 21.28 -9.32 -11.85
CA TRP C 315 22.23 -9.38 -12.94
C TRP C 315 23.63 -9.31 -12.35
N ASP C 316 24.47 -10.25 -12.75
CA ASP C 316 25.90 -10.13 -12.49
C ASP C 316 26.38 -8.97 -13.32
N ALA C 317 26.54 -7.81 -12.67
CA ALA C 317 26.64 -6.52 -13.35
C ALA C 317 27.93 -6.35 -14.13
N LEU C 318 28.90 -7.23 -13.92
CA LEU C 318 30.06 -7.27 -14.78
C LEU C 318 30.00 -8.38 -15.82
N LYS C 319 29.16 -9.40 -15.63
CA LYS C 319 29.14 -10.52 -16.55
C LYS C 319 27.83 -10.71 -17.30
N ALA C 320 26.79 -9.91 -16.98
CA ALA C 320 25.45 -9.93 -17.57
C ALA C 320 24.73 -11.27 -17.43
N ASP C 321 25.07 -12.08 -16.42
CA ASP C 321 24.34 -13.31 -16.21
C ASP C 321 23.01 -13.01 -15.53
N ARG C 322 22.11 -13.98 -15.61
CA ARG C 322 20.87 -13.93 -14.86
C ARG C 322 21.05 -14.87 -13.68
N ALA C 323 21.57 -14.33 -12.58
CA ALA C 323 22.05 -15.11 -11.46
C ALA C 323 20.99 -15.40 -10.41
N GLY C 324 19.73 -15.08 -10.68
CA GLY C 324 18.68 -15.24 -9.70
C GLY C 324 17.54 -14.31 -10.00
N VAL C 325 16.36 -14.72 -9.56
CA VAL C 325 15.11 -14.04 -9.85
C VAL C 325 14.37 -13.86 -8.55
N LEU C 326 13.97 -12.62 -8.25
CA LEU C 326 13.28 -12.34 -6.99
C LEU C 326 11.76 -12.41 -7.19
N ALA C 327 11.29 -13.57 -7.62
CA ALA C 327 9.88 -13.78 -7.95
C ALA C 327 9.08 -13.88 -6.67
N GLY C 328 8.36 -12.81 -6.34
CA GLY C 328 7.54 -12.83 -5.15
C GLY C 328 6.29 -12.01 -5.25
N HIS C 329 5.94 -11.53 -6.44
CA HIS C 329 4.88 -10.56 -6.57
C HIS C 329 3.80 -11.03 -7.54
N ASP C 330 2.58 -10.57 -7.29
CA ASP C 330 1.42 -10.93 -8.09
C ASP C 330 1.27 -10.06 -9.32
N ASN C 331 1.93 -8.91 -9.35
CA ASN C 331 1.73 -7.92 -10.39
C ASN C 331 3.07 -7.28 -10.74
N ARG C 332 3.03 -6.24 -11.57
CA ARG C 332 4.24 -5.64 -12.14
C ARG C 332 5.05 -4.92 -11.07
N VAL C 333 6.35 -5.24 -11.01
CA VAL C 333 7.26 -4.58 -10.08
C VAL C 333 7.43 -3.13 -10.52
N SER C 334 7.19 -2.19 -9.62
CA SER C 334 7.40 -0.79 -9.93
C SER C 334 8.79 -0.33 -9.57
N CYS C 335 9.18 -0.56 -8.32
CA CYS C 335 10.28 0.12 -7.70
C CYS C 335 11.10 -0.86 -6.89
N LEU C 336 12.30 -0.43 -6.52
CA LEU C 336 13.37 -1.33 -6.15
C LEU C 336 14.50 -0.49 -5.57
N GLY C 337 15.25 -1.07 -4.65
CA GLY C 337 16.30 -0.32 -3.98
C GLY C 337 17.10 -1.09 -2.96
N VAL C 338 18.39 -0.81 -2.90
CA VAL C 338 19.33 -1.46 -1.98
C VAL C 338 19.67 -0.46 -0.89
N THR C 339 19.88 -0.95 0.34
CA THR C 339 20.31 -0.13 1.44
C THR C 339 21.72 0.40 1.22
N ASP C 340 22.08 1.44 1.96
CA ASP C 340 23.39 2.06 1.76
C ASP C 340 24.53 1.27 2.38
N ASP C 341 24.23 0.31 3.25
CA ASP C 341 25.24 -0.66 3.64
C ASP C 341 25.13 -1.96 2.84
N GLY C 342 24.21 -2.02 1.89
CA GLY C 342 24.04 -3.20 1.08
C GLY C 342 23.35 -4.34 1.78
N MET C 343 22.65 -4.08 2.88
CA MET C 343 22.13 -5.17 3.69
C MET C 343 20.91 -5.85 3.08
N ALA C 344 20.07 -5.13 2.36
CA ALA C 344 18.80 -5.67 1.95
C ALA C 344 18.28 -4.97 0.70
N VAL C 345 17.34 -5.63 0.04
CA VAL C 345 16.66 -5.12 -1.15
C VAL C 345 15.18 -5.03 -0.84
N ALA C 346 14.59 -3.86 -0.99
CA ALA C 346 13.14 -3.76 -0.98
C ALA C 346 12.65 -3.61 -2.40
N THR C 347 11.55 -4.28 -2.72
CA THR C 347 10.90 -4.18 -4.02
C THR C 347 9.42 -3.94 -3.80
N GLY C 348 8.92 -2.81 -4.31
CA GLY C 348 7.50 -2.56 -4.35
C GLY C 348 6.94 -2.92 -5.70
N SER C 349 5.61 -3.01 -5.77
CA SER C 349 4.94 -3.60 -6.92
C SER C 349 3.46 -3.27 -6.94
N TRP C 350 2.84 -3.58 -8.07
CA TRP C 350 1.46 -3.18 -8.32
C TRP C 350 0.43 -4.02 -7.60
N ASP C 351 0.82 -5.10 -6.94
CA ASP C 351 -0.08 -5.80 -6.03
C ASP C 351 -0.03 -5.24 -4.61
N SER C 352 0.73 -4.16 -4.43
CA SER C 352 0.80 -3.31 -3.23
C SER C 352 1.44 -4.03 -2.05
N PHE C 353 2.53 -4.74 -2.29
CA PHE C 353 3.27 -5.45 -1.24
C PHE C 353 4.75 -5.17 -1.38
N LEU C 354 5.28 -4.40 -0.44
CA LEU C 354 6.73 -4.26 -0.32
C LEU C 354 7.30 -5.53 0.28
N LYS C 355 8.32 -6.08 -0.34
CA LYS C 355 9.03 -7.23 0.20
C LYS C 355 10.47 -6.84 0.41
N ILE C 356 10.94 -6.88 1.64
CA ILE C 356 12.36 -6.78 1.91
C ILE C 356 13.00 -8.11 1.57
N TRP C 357 14.05 -8.10 0.78
CA TRP C 357 14.78 -9.32 0.45
C TRP C 357 16.17 -9.23 1.05
N ASN C 358 16.75 -10.38 1.32
CA ASN C 358 18.11 -10.44 1.84
C ASN C 358 18.66 -11.79 1.46
N ALA D 3 10.58 31.18 -36.73
CA ALA D 3 11.97 30.97 -37.14
C ALA D 3 12.71 30.10 -36.13
N SER D 4 13.09 28.89 -36.54
CA SER D 4 13.77 27.93 -35.69
C SER D 4 15.27 27.99 -35.83
N ILE D 5 15.82 29.07 -36.40
CA ILE D 5 17.25 29.18 -36.63
C ILE D 5 17.99 29.35 -35.30
N ALA D 6 17.39 30.06 -34.35
CA ALA D 6 18.04 30.26 -33.05
C ALA D 6 18.06 28.98 -32.22
N GLN D 7 16.96 28.23 -32.23
CA GLN D 7 16.87 26.97 -31.49
C GLN D 7 17.76 25.90 -32.10
N ALA D 8 17.79 25.82 -33.43
CA ALA D 8 18.67 24.86 -34.09
C ALA D 8 20.13 25.26 -33.98
N ARG D 9 20.42 26.56 -33.91
CA ARG D 9 21.78 27.02 -33.68
C ARG D 9 22.24 26.74 -32.26
N LYS D 10 21.31 26.80 -31.29
CA LYS D 10 21.60 26.38 -29.92
C LYS D 10 21.89 24.88 -29.83
N LEU D 11 21.16 24.08 -30.60
CA LEU D 11 21.43 22.64 -30.66
C LEU D 11 22.79 22.35 -31.32
N VAL D 12 23.15 23.12 -32.34
CA VAL D 12 24.45 22.98 -32.99
C VAL D 12 25.59 23.39 -32.05
N GLU D 13 25.41 24.48 -31.30
CA GLU D 13 26.46 24.89 -30.37
C GLU D 13 26.54 23.98 -29.15
N GLN D 14 25.44 23.31 -28.78
CA GLN D 14 25.48 22.36 -27.69
C GLN D 14 26.18 21.08 -28.11
N LEU D 15 25.93 20.63 -29.35
CA LEU D 15 26.66 19.49 -29.90
C LEU D 15 28.14 19.80 -30.09
N LYS D 16 28.45 21.04 -30.45
CA LYS D 16 29.85 21.45 -30.61
C LYS D 16 30.56 21.51 -29.27
N MET D 17 29.88 21.97 -28.22
CA MET D 17 30.53 22.09 -26.93
C MET D 17 30.63 20.74 -26.22
N GLU D 18 29.64 19.87 -26.41
CA GLU D 18 29.67 18.51 -25.89
C GLU D 18 30.61 17.61 -26.68
N ALA D 19 30.94 17.98 -27.93
CA ALA D 19 31.77 17.14 -28.79
C ALA D 19 33.24 17.13 -28.36
N ASN D 20 33.77 18.27 -27.93
CA ASN D 20 35.20 18.36 -27.63
C ASN D 20 35.46 18.30 -26.12
N ILE D 21 35.31 17.09 -25.57
CA ILE D 21 35.83 16.75 -24.25
C ILE D 21 36.60 15.43 -24.38
N ASP D 22 37.23 15.03 -23.28
CA ASP D 22 38.19 13.93 -23.31
C ASP D 22 37.52 12.59 -23.07
N ARG D 23 37.86 11.61 -23.92
CA ARG D 23 37.44 10.23 -23.75
C ARG D 23 38.63 9.43 -23.26
N ILE D 24 38.44 8.68 -22.18
CA ILE D 24 39.45 7.75 -21.70
C ILE D 24 39.32 6.46 -22.49
N LYS D 25 40.28 5.56 -22.32
CA LYS D 25 40.21 4.26 -22.96
C LYS D 25 39.16 3.41 -22.24
N VAL D 26 38.62 2.40 -22.94
CA VAL D 26 37.57 1.56 -22.37
C VAL D 26 38.11 0.65 -21.29
N SER D 27 39.29 0.06 -21.53
CA SER D 27 39.82 -0.97 -20.64
C SER D 27 40.27 -0.38 -19.31
N LYS D 28 40.68 0.88 -19.31
CA LYS D 28 40.94 1.61 -18.06
C LYS D 28 39.66 1.80 -17.26
N ALA D 29 38.55 2.11 -17.94
CA ALA D 29 37.26 2.29 -17.27
C ALA D 29 36.69 1.00 -16.72
N ALA D 30 36.77 -0.08 -17.49
CA ALA D 30 36.29 -1.37 -17.00
C ALA D 30 37.23 -1.95 -15.96
N ALA D 31 38.52 -1.59 -16.00
CA ALA D 31 39.42 -1.98 -14.93
C ALA D 31 39.16 -1.20 -13.65
N ASP D 32 38.65 0.03 -13.76
CA ASP D 32 38.18 0.73 -12.58
C ASP D 32 36.93 0.07 -12.00
N LEU D 33 36.06 -0.46 -12.88
CA LEU D 33 34.91 -1.24 -12.42
C LEU D 33 35.34 -2.54 -11.73
N MET D 34 36.37 -3.21 -12.27
CA MET D 34 37.04 -4.34 -11.62
C MET D 34 37.58 -3.98 -10.25
N ALA D 35 38.24 -2.82 -10.14
CA ALA D 35 38.88 -2.42 -8.90
C ALA D 35 37.86 -2.11 -7.81
N TYR D 36 36.74 -1.48 -8.18
CA TYR D 36 35.70 -1.22 -7.18
C TYR D 36 34.99 -2.50 -6.76
N CYS D 37 34.66 -3.38 -7.72
CA CYS D 37 33.97 -4.61 -7.37
C CYS D 37 34.88 -5.68 -6.79
N GLU D 38 36.20 -5.49 -6.84
CA GLU D 38 37.12 -6.33 -6.09
C GLU D 38 37.36 -5.78 -4.70
N ALA D 39 37.55 -4.48 -4.56
CA ALA D 39 37.88 -3.90 -3.27
C ALA D 39 36.66 -3.71 -2.37
N HIS D 40 35.44 -3.93 -2.85
CA HIS D 40 34.30 -3.84 -1.95
C HIS D 40 33.49 -5.13 -1.88
N ALA D 41 34.10 -6.26 -2.20
CA ALA D 41 33.37 -7.52 -2.23
C ALA D 41 33.08 -8.07 -0.84
N LYS D 42 34.00 -7.89 0.12
CA LYS D 42 33.78 -8.42 1.45
C LYS D 42 32.77 -7.61 2.25
N GLU D 43 32.64 -6.33 1.96
CA GLU D 43 31.60 -5.50 2.54
C GLU D 43 30.34 -5.45 1.70
N ASP D 44 30.09 -6.49 0.90
CA ASP D 44 28.85 -6.65 0.17
C ASP D 44 28.01 -7.69 0.89
N PRO D 45 26.94 -7.32 1.60
CA PRO D 45 26.12 -8.32 2.28
C PRO D 45 25.23 -9.15 1.37
N LEU D 46 25.13 -8.83 0.09
CA LEU D 46 24.20 -9.54 -0.77
C LEU D 46 24.88 -10.58 -1.63
N LEU D 47 26.18 -10.43 -1.89
CA LEU D 47 26.92 -11.46 -2.59
C LEU D 47 27.22 -12.64 -1.68
N THR D 48 27.99 -12.39 -0.64
CA THR D 48 28.29 -13.39 0.37
C THR D 48 27.18 -13.38 1.40
N PRO D 49 26.54 -14.51 1.70
CA PRO D 49 25.50 -14.55 2.74
C PRO D 49 26.10 -14.36 4.13
N VAL D 50 25.63 -13.33 4.82
CA VAL D 50 26.08 -12.94 6.15
C VAL D 50 25.51 -13.95 7.13
N PRO D 51 26.20 -14.30 8.23
CA PRO D 51 25.59 -15.11 9.28
C PRO D 51 24.40 -14.42 9.94
N ALA D 52 23.41 -15.24 10.32
CA ALA D 52 22.10 -14.77 10.75
C ALA D 52 22.11 -14.09 12.11
N SER D 53 23.17 -14.24 12.90
CA SER D 53 23.34 -13.41 14.08
C SER D 53 23.72 -11.99 13.71
N GLU D 54 24.36 -11.82 12.56
CA GLU D 54 24.76 -10.49 12.10
C GLU D 54 23.78 -9.88 11.11
N ASN D 55 23.04 -10.69 10.35
CA ASN D 55 21.93 -10.16 9.56
C ASN D 55 20.83 -9.65 10.48
N PRO D 56 20.39 -8.41 10.32
CA PRO D 56 19.30 -7.88 11.14
C PRO D 56 17.92 -8.31 10.66
N PHE D 57 17.86 -8.93 9.51
CA PHE D 57 16.63 -9.49 8.96
C PHE D 57 16.73 -10.99 9.16
N ARG D 58 16.07 -11.47 10.23
CA ARG D 58 16.23 -12.78 10.85
C ARG D 58 17.69 -13.12 11.14
N VAL E 39 4.45 24.34 21.33
CA VAL E 39 3.86 23.26 22.08
C VAL E 39 3.71 23.68 23.54
N GLN E 40 2.48 23.73 24.04
CA GLN E 40 2.24 23.99 25.45
C GLN E 40 1.35 22.90 26.01
N LEU E 41 1.61 22.48 27.24
CA LEU E 41 0.81 21.49 27.94
C LEU E 41 0.52 22.05 29.32
N VAL E 42 -0.52 22.88 29.42
CA VAL E 42 -0.84 23.50 30.70
C VAL E 42 -1.69 22.54 31.54
N GLU E 43 -1.14 22.14 32.68
CA GLU E 43 -1.87 21.29 33.60
C GLU E 43 -2.87 22.13 34.38
N SER E 44 -3.82 21.45 35.01
CA SER E 44 -4.83 22.15 35.79
C SER E 44 -5.09 21.38 37.08
N GLY E 45 -5.72 22.07 38.03
CA GLY E 45 -6.11 21.45 39.28
C GLY E 45 -5.08 21.61 40.38
N GLY E 46 -5.04 20.67 41.31
CA GLY E 46 -4.11 20.74 42.42
C GLY E 46 -4.62 21.64 43.52
N GLY E 47 -3.74 21.87 44.51
CA GLY E 47 -4.07 22.67 45.66
C GLY E 47 -3.92 21.88 46.95
N LEU E 48 -4.95 21.93 47.79
CA LEU E 48 -4.98 21.18 49.02
C LEU E 48 -6.29 20.42 49.09
N VAL E 49 -6.24 19.23 49.72
CA VAL E 49 -7.38 18.32 49.74
C VAL E 49 -7.27 17.49 51.01
N GLN E 50 -8.42 17.00 51.49
CA GLN E 50 -8.47 16.15 52.67
C GLN E 50 -7.86 14.79 52.37
N PRO E 51 -7.33 14.11 53.38
CA PRO E 51 -7.01 12.69 53.23
C PRO E 51 -8.28 11.86 53.00
N GLY E 52 -8.16 10.86 52.15
CA GLY E 52 -9.30 10.07 51.75
C GLY E 52 -10.14 10.69 50.65
N GLY E 53 -9.76 11.88 50.15
CA GLY E 53 -10.54 12.56 49.15
C GLY E 53 -10.21 12.12 47.74
N SER E 54 -10.84 12.79 46.78
CA SER E 54 -10.66 12.50 45.37
C SER E 54 -10.40 13.79 44.60
N ARG E 55 -9.49 13.73 43.63
CA ARG E 55 -9.19 14.86 42.77
C ARG E 55 -8.92 14.36 41.36
N LYS E 56 -9.64 14.90 40.39
CA LYS E 56 -9.42 14.63 38.98
C LYS E 56 -8.40 15.64 38.48
N LEU E 57 -7.15 15.20 38.34
CA LEU E 57 -6.06 16.06 37.95
C LEU E 57 -5.88 16.03 36.45
N SER E 58 -5.82 17.21 35.84
CA SER E 58 -5.93 17.34 34.40
C SER E 58 -4.69 17.99 33.81
N CYS E 59 -4.48 17.74 32.51
CA CYS E 59 -3.39 18.34 31.75
C CYS E 59 -3.91 18.51 30.32
N SER E 60 -4.29 19.75 29.96
CA SER E 60 -4.88 20.04 28.67
C SER E 60 -3.79 20.38 27.66
N ALA E 61 -3.70 19.58 26.60
CA ALA E 61 -2.68 19.82 25.58
C ALA E 61 -3.15 20.88 24.60
N SER E 62 -2.19 21.56 24.00
CA SER E 62 -2.50 22.60 23.01
C SER E 62 -1.33 22.76 22.06
N GLY E 63 -1.64 22.90 20.78
CA GLY E 63 -0.66 23.32 19.82
C GLY E 63 0.15 22.23 19.16
N PHE E 64 -0.25 20.97 19.30
CA PHE E 64 0.47 19.88 18.64
C PHE E 64 -0.48 18.71 18.44
N ALA E 65 0.02 17.67 17.76
CA ALA E 65 -0.80 16.55 17.29
C ALA E 65 -0.85 15.45 18.35
N PHE E 66 -1.58 15.78 19.42
CA PHE E 66 -1.70 14.99 20.66
C PHE E 66 -2.20 13.57 20.46
N SER E 67 -2.99 13.31 19.43
CA SER E 67 -3.64 12.01 19.31
C SER E 67 -2.72 10.91 18.80
N SER E 68 -1.44 11.19 18.55
CA SER E 68 -0.49 10.17 18.15
C SER E 68 0.70 10.05 19.10
N PHE E 69 0.58 10.57 20.32
CA PHE E 69 1.65 10.57 21.31
C PHE E 69 1.25 9.69 22.49
N GLY E 70 2.14 8.77 22.90
CA GLY E 70 1.98 8.12 24.18
C GLY E 70 2.12 9.14 25.30
N MET E 71 1.38 8.94 26.38
CA MET E 71 1.38 9.94 27.44
C MET E 71 1.68 9.28 28.78
N HIS E 72 2.26 10.05 29.68
CA HIS E 72 2.68 9.55 30.97
C HIS E 72 2.26 10.54 32.03
N TRP E 73 2.48 10.17 33.29
CA TRP E 73 2.63 11.11 34.37
C TRP E 73 3.81 10.63 35.21
N VAL E 74 4.67 11.56 35.62
CA VAL E 74 5.82 11.29 36.48
C VAL E 74 5.76 12.31 37.60
N ARG E 75 5.84 11.88 38.86
CA ARG E 75 5.76 12.81 39.97
C ARG E 75 7.10 12.93 40.67
N GLN E 76 7.20 13.85 41.63
CA GLN E 76 8.34 13.89 42.53
C GLN E 76 7.93 14.41 43.89
N ALA E 77 8.68 14.02 44.90
CA ALA E 77 8.51 14.57 46.23
C ALA E 77 9.09 15.98 46.28
N PRO E 78 8.65 16.82 47.23
CA PRO E 78 9.25 18.17 47.36
C PRO E 78 10.73 18.21 47.76
N GLU E 79 11.33 17.11 48.21
CA GLU E 79 12.76 17.09 48.44
C GLU E 79 13.45 15.79 48.02
N LYS E 80 12.82 14.96 47.20
CA LYS E 80 13.44 13.75 46.67
C LYS E 80 13.41 13.75 45.15
N GLY E 81 13.79 12.61 44.56
CA GLY E 81 13.86 12.46 43.13
C GLY E 81 12.50 12.24 42.49
N LEU E 82 12.52 12.02 41.17
CA LEU E 82 11.27 11.82 40.45
C LEU E 82 10.76 10.39 40.63
N GLU E 83 9.44 10.23 40.59
CA GLU E 83 8.81 8.90 40.64
C GLU E 83 7.69 8.82 39.62
N TRP E 84 7.56 7.67 38.98
CA TRP E 84 6.61 7.49 37.89
C TRP E 84 5.20 7.23 38.42
N VAL E 85 4.19 7.69 37.69
CA VAL E 85 2.79 7.50 38.06
C VAL E 85 2.09 6.48 37.15
N ALA E 86 2.02 6.75 35.85
CA ALA E 86 1.18 5.95 34.98
C ALA E 86 1.68 6.10 33.55
N TYR E 87 0.99 5.45 32.62
CA TYR E 87 1.25 5.59 31.18
C TYR E 87 0.00 5.20 30.43
N ILE E 88 -0.41 6.01 29.45
CA ILE E 88 -1.43 5.62 28.49
C ILE E 88 -0.87 5.84 27.08
N SER E 89 -1.05 4.87 26.20
CA SER E 89 -0.55 5.06 24.86
C SER E 89 -1.60 5.81 24.06
N SER E 90 -1.22 6.30 22.88
CA SER E 90 -2.11 7.09 22.05
C SER E 90 -3.22 6.22 21.47
N GLY E 91 -4.43 6.75 21.44
CA GLY E 91 -5.54 5.92 21.04
C GLY E 91 -6.01 4.93 22.08
N SER E 92 -5.56 5.09 23.33
CA SER E 92 -6.04 4.39 24.54
C SER E 92 -5.89 2.88 24.47
N GLY E 93 -4.86 2.42 23.74
CA GLY E 93 -4.73 0.98 23.52
C GLY E 93 -4.20 0.22 24.72
N THR E 94 -3.29 0.82 25.48
CA THR E 94 -2.59 0.14 26.56
C THR E 94 -2.42 1.10 27.72
N ILE E 95 -2.77 0.67 28.93
CA ILE E 95 -2.50 1.44 30.14
C ILE E 95 -1.73 0.58 31.12
N TYR E 96 -0.50 0.96 31.40
CA TYR E 96 0.21 0.42 32.56
C TYR E 96 0.03 1.38 33.72
N TYR E 97 0.35 0.91 34.92
CA TYR E 97 0.27 1.74 36.13
C TYR E 97 1.48 1.49 36.98
N ALA E 98 1.61 2.32 38.03
CA ALA E 98 2.69 2.18 38.99
C ALA E 98 2.51 0.91 39.79
N ASP E 99 3.60 0.25 40.12
CA ASP E 99 3.44 -0.90 40.99
C ASP E 99 3.30 -0.48 42.45
N THR E 100 3.55 0.79 42.78
CA THR E 100 3.12 1.33 44.06
C THR E 100 1.60 1.44 44.10
N VAL E 101 1.04 2.23 43.19
CA VAL E 101 -0.39 2.45 43.12
C VAL E 101 -0.85 1.95 41.76
N LYS E 102 -1.51 0.79 41.74
CA LYS E 102 -2.16 0.24 40.56
C LYS E 102 -3.60 -0.05 40.90
N GLY E 103 -4.51 0.39 40.05
CA GLY E 103 -5.92 0.12 40.28
C GLY E 103 -6.59 1.05 41.27
N ARG E 104 -5.87 2.01 41.83
CA ARG E 104 -6.47 3.06 42.63
C ARG E 104 -6.41 4.41 41.91
N PHE E 105 -5.24 4.76 41.39
CA PHE E 105 -5.16 5.82 40.40
C PHE E 105 -5.81 5.33 39.10
N THR E 106 -6.45 6.25 38.38
CA THR E 106 -6.97 5.89 37.06
C THR E 106 -6.75 7.05 36.09
N ILE E 107 -6.25 6.72 34.92
CA ILE E 107 -5.91 7.71 33.89
C ILE E 107 -7.06 7.73 32.89
N SER E 108 -7.22 8.84 32.18
CA SER E 108 -8.18 8.90 31.09
C SER E 108 -7.71 9.91 30.06
N ARG E 109 -8.01 9.62 28.80
CA ARG E 109 -7.50 10.35 27.65
C ARG E 109 -8.67 10.77 26.77
N ASP E 110 -8.76 12.06 26.47
CA ASP E 110 -9.79 12.56 25.55
C ASP E 110 -9.10 13.11 24.32
N ASP E 111 -9.44 12.56 23.16
CA ASP E 111 -8.91 13.03 21.87
C ASP E 111 -9.62 14.24 21.21
N PRO E 112 -10.96 14.38 21.18
CA PRO E 112 -11.51 15.60 20.55
C PRO E 112 -11.28 16.87 21.33
N LYS E 113 -10.98 16.81 22.62
CA LYS E 113 -10.68 18.01 23.38
C LYS E 113 -9.19 18.18 23.65
N ASN E 114 -8.40 17.13 23.38
CA ASN E 114 -6.95 17.06 23.64
C ASN E 114 -6.62 17.35 25.10
N THR E 115 -7.30 16.65 26.00
CA THR E 115 -7.12 16.78 27.44
C THR E 115 -6.83 15.40 28.03
N LEU E 116 -5.79 15.30 28.86
CA LEU E 116 -5.59 14.12 29.69
C LEU E 116 -6.06 14.41 31.10
N PHE E 117 -6.70 13.43 31.71
CA PHE E 117 -7.02 13.47 33.12
C PHE E 117 -6.25 12.39 33.85
N LEU E 118 -5.99 12.64 35.13
CA LEU E 118 -5.66 11.60 36.09
C LEU E 118 -6.72 11.73 37.15
N GLN E 119 -7.45 10.66 37.42
CA GLN E 119 -8.39 10.68 38.52
C GLN E 119 -7.84 9.82 39.65
N MET E 120 -7.94 10.35 40.85
CA MET E 120 -7.29 9.79 42.01
C MET E 120 -8.35 9.56 43.08
N THR E 121 -8.21 8.45 43.80
CA THR E 121 -9.18 8.01 44.78
C THR E 121 -8.48 7.75 46.10
N SER E 122 -9.05 8.31 47.18
CA SER E 122 -8.67 8.08 48.59
C SER E 122 -7.20 8.43 48.85
N LEU E 123 -6.93 9.74 48.78
CA LEU E 123 -5.57 10.24 48.75
C LEU E 123 -4.87 10.06 50.09
N ARG E 124 -3.82 9.24 50.11
CA ARG E 124 -3.09 8.84 51.30
C ARG E 124 -2.09 9.92 51.69
N SER E 125 -1.23 9.61 52.66
CA SER E 125 -0.22 10.58 53.07
C SER E 125 1.00 10.60 52.15
N GLU E 126 1.14 9.61 51.27
CA GLU E 126 2.20 9.63 50.27
C GLU E 126 1.89 10.61 49.15
N ASP E 127 0.63 10.94 48.93
CA ASP E 127 0.18 11.62 47.73
C ASP E 127 0.31 13.15 47.80
N THR E 128 1.18 13.67 48.65
CA THR E 128 1.65 15.04 48.56
C THR E 128 2.92 15.02 47.71
N ALA E 129 2.81 15.51 46.48
CA ALA E 129 3.88 15.41 45.51
C ALA E 129 3.68 16.46 44.42
N MET E 130 4.52 16.39 43.40
CA MET E 130 4.58 17.37 42.32
C MET E 130 4.38 16.63 40.99
N TYR E 131 3.15 16.64 40.48
CA TYR E 131 2.76 15.82 39.33
C TYR E 131 3.08 16.52 38.01
N TYR E 132 3.68 15.79 37.08
CA TYR E 132 4.13 16.35 35.81
C TYR E 132 3.49 15.57 34.66
N CYS E 133 3.30 16.26 33.53
CA CYS E 133 2.54 15.79 32.38
C CYS E 133 3.47 15.59 31.20
N VAL E 134 3.93 14.37 31.01
CA VAL E 134 5.03 14.07 30.10
C VAL E 134 4.44 13.49 28.83
N ARG E 135 4.89 13.95 27.68
CA ARG E 135 4.64 13.25 26.44
C ARG E 135 5.85 12.45 26.01
N SER E 136 5.60 11.57 25.05
CA SER E 136 6.61 10.74 24.43
C SER E 136 6.00 10.22 23.15
N ILE E 137 6.83 9.66 22.29
CA ILE E 137 6.36 9.03 21.08
C ILE E 137 7.31 7.88 20.79
N TYR E 138 6.79 6.80 20.22
CA TYR E 138 7.59 5.58 20.12
C TYR E 138 7.52 5.04 18.70
N TYR E 139 8.39 5.54 17.85
CA TYR E 139 8.68 4.86 16.61
C TYR E 139 10.19 4.76 16.51
N TYR E 140 10.70 4.29 15.37
CA TYR E 140 12.14 4.19 15.22
C TYR E 140 12.74 5.56 15.01
N GLY E 141 13.73 5.90 15.80
CA GLY E 141 14.32 7.22 15.74
C GLY E 141 13.60 8.24 16.57
N SER E 142 12.62 7.84 17.35
CA SER E 142 11.87 8.80 18.13
C SER E 142 12.65 9.22 19.35
N SER E 143 12.22 10.31 19.97
CA SER E 143 12.76 10.76 21.24
C SER E 143 11.64 10.63 22.26
N PRO E 144 11.58 9.53 23.01
CA PRO E 144 10.67 9.48 24.14
C PRO E 144 11.07 10.47 25.22
N PHE E 145 10.04 10.94 25.93
CA PHE E 145 10.13 11.72 27.17
C PHE E 145 10.75 13.10 26.91
N ASP E 146 10.46 13.69 25.76
CA ASP E 146 11.08 14.96 25.41
C ASP E 146 10.38 16.14 26.09
N PHE E 147 9.11 16.37 25.80
CA PHE E 147 8.47 17.58 26.26
C PHE E 147 7.58 17.32 27.45
N TRP E 148 7.64 18.23 28.42
CA TRP E 148 7.10 18.06 29.75
C TRP E 148 6.14 19.18 30.07
N GLY E 149 5.17 18.88 30.90
CA GLY E 149 4.22 19.87 31.31
C GLY E 149 4.81 20.85 32.30
N GLN E 150 4.02 21.89 32.60
CA GLN E 150 4.47 22.91 33.55
C GLN E 150 4.48 22.38 34.98
N GLY E 151 3.48 21.61 35.36
CA GLY E 151 3.49 21.06 36.70
C GLY E 151 2.34 21.57 37.53
N THR E 152 1.90 20.72 38.47
CA THR E 152 0.99 21.15 39.52
C THR E 152 1.42 20.48 40.82
N THR E 153 1.10 21.14 41.92
CA THR E 153 1.29 20.58 43.25
C THR E 153 -0.06 20.32 43.89
N LEU E 154 -0.13 19.22 44.64
CA LEU E 154 -1.34 18.86 45.37
C LEU E 154 -0.89 18.29 46.71
N THR E 155 -1.22 19.00 47.78
CA THR E 155 -0.83 18.60 49.13
C THR E 155 -2.03 18.01 49.86
N VAL E 156 -1.76 17.08 50.76
CA VAL E 156 -2.78 16.29 51.42
C VAL E 156 -2.22 15.81 52.76
N SER E 157 -3.06 15.85 53.80
CA SER E 157 -2.63 15.47 55.14
C SER E 157 -3.14 14.08 55.51
N GLY E 172 8.03 -4.84 44.22
CA GLY E 172 9.22 -4.02 44.18
C GLY E 172 10.51 -4.80 44.16
N SER E 173 10.41 -6.13 44.01
CA SER E 173 11.59 -6.98 44.08
C SER E 173 12.28 -7.13 42.73
N ALA E 174 11.52 -7.22 41.65
CA ALA E 174 12.10 -7.35 40.32
C ALA E 174 12.25 -6.02 39.60
N ASP E 175 11.94 -4.91 40.27
CA ASP E 175 12.07 -3.59 39.64
C ASP E 175 13.54 -3.21 39.56
N ILE E 176 13.96 -2.74 38.37
CA ILE E 176 15.31 -2.24 38.21
C ILE E 176 15.40 -0.88 38.89
N VAL E 177 16.38 -0.72 39.78
CA VAL E 177 16.52 0.48 40.58
C VAL E 177 17.70 1.30 40.04
N MET E 178 17.55 2.62 40.08
CA MET E 178 18.60 3.54 39.70
C MET E 178 19.21 4.15 40.95
N THR E 179 20.52 4.03 41.08
CA THR E 179 21.27 4.60 42.19
C THR E 179 22.29 5.57 41.61
N GLN E 180 22.29 6.81 42.09
CA GLN E 180 23.23 7.80 41.61
C GLN E 180 24.39 7.89 42.58
N ALA E 181 25.51 8.43 42.10
CA ALA E 181 26.74 8.42 42.89
C ALA E 181 26.70 9.41 44.04
N THR E 182 25.83 10.42 43.97
CA THR E 182 25.84 11.52 44.92
C THR E 182 24.48 12.19 44.95
N SER E 183 24.40 13.26 45.74
CA SER E 183 23.23 14.14 45.73
C SER E 183 23.60 15.61 45.61
N SER E 184 24.87 15.97 45.72
CA SER E 184 25.32 17.34 45.55
C SER E 184 26.78 17.33 45.08
N VAL E 185 27.09 18.20 44.12
CA VAL E 185 28.43 18.31 43.57
C VAL E 185 28.81 19.78 43.50
N PRO E 186 29.87 20.22 44.19
CA PRO E 186 30.45 21.55 43.91
C PRO E 186 31.50 21.53 42.81
N VAL E 187 31.19 22.08 41.63
CA VAL E 187 32.15 22.22 40.53
C VAL E 187 31.96 23.60 39.91
N THR E 188 33.08 24.36 39.79
CA THR E 188 33.09 25.68 39.18
C THR E 188 32.76 25.62 37.69
N PRO E 189 32.23 26.71 37.11
CA PRO E 189 32.00 26.71 35.66
C PRO E 189 33.28 26.72 34.85
N GLY E 190 33.23 26.04 33.71
CA GLY E 190 34.31 26.06 32.73
C GLY E 190 34.93 24.72 32.43
N GLU E 191 34.94 23.78 33.37
CA GLU E 191 35.63 22.52 33.20
C GLU E 191 34.64 21.36 33.12
N SER E 192 35.18 20.20 32.77
CA SER E 192 34.35 19.03 32.44
C SER E 192 33.78 18.38 33.69
N VAL E 193 32.52 17.98 33.60
CA VAL E 193 31.76 17.39 34.70
C VAL E 193 31.36 15.98 34.27
N SER E 194 31.42 15.03 35.21
CA SER E 194 30.91 13.69 34.96
C SER E 194 29.92 13.31 36.05
N ILE E 195 28.76 12.80 35.64
CA ILE E 195 27.69 12.37 36.54
C ILE E 195 27.38 10.92 36.21
N SER E 196 27.51 10.03 37.20
CA SER E 196 27.33 8.60 37.00
C SER E 196 26.12 8.09 37.75
N CYS E 197 25.38 7.18 37.12
CA CYS E 197 24.18 6.55 37.66
C CYS E 197 24.31 5.04 37.48
N ARG E 198 23.82 4.28 38.46
CA ARG E 198 23.93 2.83 38.44
C ARG E 198 22.61 2.17 38.05
N SER E 199 22.73 1.01 37.42
CA SER E 199 21.61 0.13 37.16
C SER E 199 21.82 -1.20 37.87
N SER E 200 20.73 -1.93 38.13
CA SER E 200 20.83 -3.20 38.81
C SER E 200 20.80 -4.40 37.88
N LYS E 201 20.33 -4.22 36.65
CA LYS E 201 20.41 -5.23 35.60
C LYS E 201 20.75 -4.50 34.32
N SER E 202 21.44 -5.18 33.39
CA SER E 202 22.01 -4.54 32.20
C SER E 202 20.92 -4.00 31.28
N LEU E 203 21.13 -2.76 30.81
CA LEU E 203 20.14 -2.03 30.04
C LEU E 203 20.24 -2.23 28.54
N LEU E 204 21.29 -2.88 28.06
CA LEU E 204 21.39 -3.18 26.65
C LEU E 204 20.45 -4.34 26.34
N HIS E 205 19.48 -4.09 25.49
CA HIS E 205 18.59 -5.12 24.99
C HIS E 205 19.18 -5.56 23.64
N SER E 206 18.85 -6.76 23.19
CA SER E 206 19.47 -7.41 22.04
C SER E 206 19.23 -6.73 20.71
N ASN E 207 18.26 -5.81 20.61
CA ASN E 207 18.20 -4.96 19.43
C ASN E 207 19.35 -3.97 19.41
N GLY E 208 19.75 -3.46 20.57
CA GLY E 208 20.86 -2.53 20.68
C GLY E 208 20.53 -1.26 21.44
N ASN E 209 19.26 -0.94 21.59
CA ASN E 209 18.88 0.35 22.15
C ASN E 209 18.92 0.27 23.67
N THR E 210 19.70 1.12 24.28
CA THR E 210 19.99 1.07 25.71
C THR E 210 19.16 2.13 26.43
N TYR E 211 18.05 1.72 27.02
CA TYR E 211 17.01 2.63 27.48
C TYR E 211 17.38 3.31 28.80
N LEU E 212 18.32 4.25 28.71
CA LEU E 212 18.67 5.11 29.83
C LEU E 212 18.51 6.57 29.41
N TYR E 213 17.78 7.33 30.22
CA TYR E 213 17.48 8.71 29.92
C TYR E 213 18.26 9.64 30.84
N TRP E 214 18.37 10.88 30.42
CA TRP E 214 19.02 11.92 31.20
C TRP E 214 18.18 13.18 31.08
N PHE E 215 17.54 13.57 32.16
CA PHE E 215 16.70 14.75 32.18
C PHE E 215 17.49 15.86 32.86
N LEU E 216 16.88 17.03 33.02
CA LEU E 216 17.44 18.06 33.89
C LEU E 216 16.28 18.91 34.36
N GLN E 217 16.06 18.95 35.67
CA GLN E 217 15.16 19.91 36.28
C GLN E 217 15.98 21.09 36.75
N ARG E 218 15.84 22.23 36.05
CA ARG E 218 16.40 23.49 36.52
C ARG E 218 15.67 23.91 37.81
N PRO E 219 16.34 24.65 38.71
CA PRO E 219 15.69 25.01 39.98
C PRO E 219 14.57 26.02 39.80
N GLY E 220 13.34 25.56 40.03
CA GLY E 220 12.16 26.35 39.80
C GLY E 220 11.47 26.09 38.48
N GLN E 221 12.02 25.22 37.63
CA GLN E 221 11.50 25.03 36.29
C GLN E 221 11.20 23.55 36.05
N SER E 222 10.44 23.31 34.98
CA SER E 222 10.04 21.97 34.58
C SER E 222 11.23 21.22 33.99
N PRO E 223 11.19 19.89 33.99
CA PRO E 223 12.28 19.14 33.36
C PRO E 223 12.25 19.24 31.85
N GLN E 224 13.41 18.95 31.26
CA GLN E 224 13.60 18.80 29.82
C GLN E 224 14.24 17.45 29.60
N LEU E 225 14.62 17.17 28.37
CA LEU E 225 15.33 15.95 28.04
C LEU E 225 16.71 16.31 27.50
N LEU E 226 17.75 15.70 28.06
CA LEU E 226 19.10 15.96 27.59
C LEU E 226 19.60 14.84 26.68
N ILE E 227 19.68 13.62 27.19
CA ILE E 227 20.10 12.47 26.39
C ILE E 227 19.09 11.37 26.54
N TYR E 228 18.45 11.01 25.43
CA TYR E 228 17.54 9.87 25.40
C TYR E 228 18.28 8.65 24.90
N ARG E 229 18.01 7.52 25.57
CA ARG E 229 18.50 6.18 25.23
C ARG E 229 20.03 6.12 25.23
N MET E 230 20.61 6.76 26.26
CA MET E 230 21.96 6.65 26.82
C MET E 230 23.07 7.31 25.99
N SER E 231 22.83 7.58 24.72
CA SER E 231 23.86 8.21 23.91
C SER E 231 23.33 9.21 22.90
N ASN E 232 22.03 9.38 22.76
CA ASN E 232 21.43 10.20 21.72
C ASN E 232 20.84 11.44 22.34
N LEU E 233 21.20 12.60 21.80
CA LEU E 233 20.95 13.87 22.45
C LEU E 233 19.72 14.53 21.85
N ALA E 234 18.86 15.07 22.72
CA ALA E 234 17.61 15.65 22.28
C ALA E 234 17.82 17.00 21.61
N SER E 235 16.98 17.29 20.62
CA SER E 235 17.09 18.53 19.87
C SER E 235 16.53 19.68 20.69
N GLY E 236 17.20 20.83 20.59
CA GLY E 236 17.01 21.94 21.50
C GLY E 236 18.02 21.99 22.61
N VAL E 237 18.95 21.06 22.64
CA VAL E 237 19.98 20.95 23.68
C VAL E 237 21.32 21.07 22.97
N PRO E 238 22.25 21.89 23.46
CA PRO E 238 23.53 22.07 22.76
C PRO E 238 24.42 20.85 22.82
N ASP E 239 25.29 20.74 21.82
CA ASP E 239 26.08 19.53 21.55
C ASP E 239 27.31 19.36 22.46
N ARG E 240 27.38 20.08 23.58
CA ARG E 240 28.47 19.87 24.52
C ARG E 240 28.28 18.61 25.35
N PHE E 241 27.05 18.08 25.41
CA PHE E 241 26.72 16.92 26.22
C PHE E 241 27.02 15.62 25.49
N SER E 242 27.38 14.61 26.27
CA SER E 242 27.56 13.25 25.76
C SER E 242 27.38 12.27 26.90
N GLY E 243 27.15 11.02 26.56
CA GLY E 243 27.09 9.96 27.55
C GLY E 243 27.46 8.63 26.93
N SER E 244 28.17 7.78 27.66
CA SER E 244 28.53 6.47 27.11
C SER E 244 28.73 5.49 28.25
N GLY E 245 28.87 4.22 27.86
CA GLY E 245 29.17 3.15 28.78
C GLY E 245 28.65 1.83 28.26
N SER E 246 29.07 0.72 28.86
CA SER E 246 28.40 -0.55 28.68
C SER E 246 27.51 -0.79 29.89
N GLY E 247 26.86 -1.97 29.92
CA GLY E 247 25.74 -2.29 30.79
C GLY E 247 25.89 -2.11 32.28
N THR E 248 24.97 -1.31 32.86
CA THR E 248 24.79 -0.79 34.22
C THR E 248 25.79 0.31 34.59
N ALA E 249 26.82 0.52 33.79
CA ALA E 249 27.93 1.40 34.13
C ALA E 249 27.92 2.58 33.16
N PHE E 250 27.33 3.68 33.59
CA PHE E 250 27.00 4.78 32.70
C PHE E 250 27.38 6.10 33.33
N THR E 251 27.85 7.04 32.49
CA THR E 251 28.20 8.37 32.95
C THR E 251 27.66 9.46 32.03
N LEU E 252 27.22 10.57 32.62
CA LEU E 252 26.82 11.78 31.91
C LEU E 252 28.00 12.72 31.86
N THR E 253 28.64 12.81 30.70
CA THR E 253 29.79 13.70 30.53
C THR E 253 29.32 15.06 30.04
N ILE E 254 29.46 16.05 30.89
CA ILE E 254 29.17 17.44 30.55
C ILE E 254 30.50 18.16 30.35
N SER E 255 30.68 18.75 29.19
CA SER E 255 31.84 19.58 28.89
C SER E 255 31.40 21.03 28.84
N ARG E 256 32.23 21.92 29.39
CA ARG E 256 32.11 23.38 29.34
C ARG E 256 30.80 23.87 29.98
N LEU E 257 30.73 23.67 31.29
CA LEU E 257 29.54 24.07 32.05
C LEU E 257 29.41 25.59 32.12
N GLU E 258 28.27 26.11 31.65
CA GLU E 258 27.93 27.49 31.94
C GLU E 258 26.80 27.50 32.96
N ALA E 259 26.25 28.70 33.21
CA ALA E 259 25.36 28.96 34.33
C ALA E 259 23.97 28.35 34.19
N GLU E 260 23.60 27.81 33.03
CA GLU E 260 22.29 27.19 32.90
C GLU E 260 22.28 25.71 33.24
N ASP E 261 23.43 25.09 33.47
CA ASP E 261 23.50 23.67 33.82
C ASP E 261 23.30 23.41 35.32
N VAL E 262 23.01 24.41 36.12
CA VAL E 262 22.68 24.17 37.52
C VAL E 262 21.27 23.59 37.60
N GLY E 263 21.08 22.64 38.50
CA GLY E 263 19.84 21.88 38.56
C GLY E 263 20.10 20.41 38.74
N VAL E 264 19.05 19.62 38.88
CA VAL E 264 19.16 18.24 39.33
C VAL E 264 19.01 17.33 38.11
N TYR E 265 19.92 16.39 37.96
CA TYR E 265 20.02 15.50 36.82
C TYR E 265 19.50 14.11 37.16
N TYR E 266 18.67 13.55 36.28
CA TYR E 266 17.97 12.32 36.59
C TYR E 266 18.28 11.24 35.58
N CYS E 267 18.20 9.99 36.02
CA CYS E 267 18.47 8.83 35.19
C CYS E 267 17.30 7.87 35.28
N MET E 268 16.74 7.46 34.14
CA MET E 268 15.56 6.62 34.14
C MET E 268 15.78 5.43 33.22
N GLN E 269 15.45 4.24 33.70
CA GLN E 269 15.43 3.03 32.89
C GLN E 269 14.10 2.86 32.21
N HIS E 270 14.11 2.23 31.04
CA HIS E 270 12.85 1.98 30.36
C HIS E 270 12.88 0.61 29.68
N LEU E 271 13.44 -0.40 30.35
CA LEU E 271 13.28 -1.75 29.80
C LEU E 271 11.88 -2.28 30.01
N GLU E 272 11.22 -1.83 31.07
CA GLU E 272 9.97 -2.41 31.53
C GLU E 272 9.31 -1.40 32.45
N TYR E 273 8.20 -1.79 33.03
CA TYR E 273 7.66 -0.86 33.99
C TYR E 273 7.79 -1.46 35.39
N PRO E 274 8.03 -0.65 36.45
CA PRO E 274 7.99 0.81 36.63
C PRO E 274 9.16 1.59 36.05
N LEU E 275 9.05 2.91 36.12
CA LEU E 275 10.05 3.81 35.56
C LEU E 275 10.73 4.44 36.76
N THR E 276 11.82 3.83 37.19
CA THR E 276 12.49 4.19 38.43
C THR E 276 13.61 5.16 38.17
N PHE E 277 13.73 6.16 39.03
CA PHE E 277 14.76 7.19 38.94
C PHE E 277 15.80 6.99 40.03
N GLY E 278 16.86 7.78 39.94
CA GLY E 278 17.82 7.89 41.00
C GLY E 278 17.43 8.98 41.98
N ALA E 279 18.36 9.31 42.87
CA ALA E 279 18.11 10.43 43.77
C ALA E 279 18.27 11.76 43.04
N GLY E 280 19.23 11.86 42.14
CA GLY E 280 19.50 13.11 41.48
C GLY E 280 20.72 13.79 42.06
N THR E 281 21.43 14.54 41.21
CA THR E 281 22.63 15.27 41.60
C THR E 281 22.34 16.77 41.54
N LYS E 282 22.26 17.43 42.69
CA LYS E 282 22.11 18.87 42.72
C LYS E 282 23.43 19.51 42.32
N LEU E 283 23.41 20.30 41.26
CA LEU E 283 24.59 21.06 40.86
C LEU E 283 24.36 22.53 41.18
N GLU E 284 25.33 23.12 41.87
CA GLU E 284 25.21 24.49 42.35
C GLU E 284 26.55 25.18 42.19
N LEU E 285 26.54 26.48 42.44
CA LEU E 285 27.77 27.27 42.38
C LEU E 285 28.07 27.90 43.74
C1 CLR F . -15.08 -15.37 12.12
C2 CLR F . -14.96 -13.99 11.50
C3 CLR F . -14.03 -14.06 10.30
C4 CLR F . -14.73 -14.93 9.25
C5 CLR F . -15.00 -16.29 9.81
C6 CLR F . -14.86 -17.32 8.99
C7 CLR F . -14.95 -18.72 9.46
C8 CLR F . -15.91 -18.85 10.63
C9 CLR F . -15.61 -17.79 11.72
C10 CLR F . -15.72 -16.37 11.14
C11 CLR F . -16.53 -18.00 12.97
C12 CLR F . -16.45 -19.43 13.54
C13 CLR F . -16.73 -20.48 12.46
C14 CLR F . -15.77 -20.25 11.24
C15 CLR F . -16.02 -21.51 10.33
C16 CLR F . -16.39 -22.63 11.35
C17 CLR F . -16.22 -21.95 12.74
C18 CLR F . -18.22 -20.38 11.96
C19 CLR F . -17.19 -16.01 10.91
C20 CLR F . -16.64 -22.81 14.06
C21 CLR F . -15.95 -24.17 13.96
C22 CLR F . -18.10 -23.04 14.44
C23 CLR F . -18.50 -21.93 15.40
C24 CLR F . -19.78 -22.26 16.14
C25 CLR F . -20.14 -21.06 17.02
C26 CLR F . -21.27 -20.28 16.39
C27 CLR F . -20.53 -21.53 18.42
O1 CLR F . -13.85 -12.77 9.84
#